data_1KHJ
#
_entry.id   1KHJ
#
_cell.length_a   163.511
_cell.length_b   163.511
_cell.length_c   138.025
_cell.angle_alpha   90.00
_cell.angle_beta   90.00
_cell.angle_gamma   120.00
#
_symmetry.space_group_name_H-M   'P 63 2 2'
#
loop_
_entity.id
_entity.type
_entity.pdbx_description
1 polymer 'Alkaline phosphatase'
2 non-polymer 'ZINC ION'
3 non-polymer 'ALUMINUM FLUORIDE'
4 water water
#
_entity_poly.entity_id   1
_entity_poly.type   'polypeptide(L)'
_entity_poly.pdbx_seq_one_letter_code
;TPEMPVLENRAAQGNITAPGGARRLTGDQTAALRNSLSDKPAKNIILLIGDGMGDSEITAARNYAEGAGGFFKGIDALPL
TGQYTHYALNKKTGKPDYVTDSAASATAWSTGVKTYNGALGVDIHEKDHPTILEMAKAAGLATGNVSTAELQHATPAALV
AHVTSRKCYGPSATSQKCPGNALEKGGKGSITEQLLNARADVTLGGGAKTFAETATAGEWQGKTLREEAEARGYQLVSDA
ASLNSVTEANQQKPLLGLFADGNMPVRWLGPKATYHGNIDKPAVTCTPNPQRNDSVPTLAQMTDKAIELLSKNEKGFFLQ
VEGASIDKQNHAANPCGQIGETVDLDEAVQRALEFAKKEGNTLVIVTADHAHASQIVAPDTKAPGLTQALNTKDGAVMVM
SYGNSEEDSQEHTGSQLRIAAYGPHAANVVGLTDQTDLFYTMKAALGLK
;
_entity_poly.pdbx_strand_id   A,B
#
# COMPACT_ATOMS: atom_id res chain seq x y z
N VAL A 6 2.53 15.60 11.75
CA VAL A 6 1.94 16.30 10.59
C VAL A 6 3.02 17.09 9.86
N LEU A 7 4.23 16.54 9.87
CA LEU A 7 5.39 17.16 9.26
C LEU A 7 5.26 17.36 7.73
N GLU A 8 6.05 18.28 7.19
CA GLU A 8 6.04 18.59 5.77
C GLU A 8 7.34 18.18 5.07
N ASN A 9 8.30 17.66 5.83
CA ASN A 9 9.58 17.19 5.26
C ASN A 9 9.82 15.76 5.73
N ARG A 10 9.87 14.84 4.79
CA ARG A 10 10.04 13.45 5.15
C ARG A 10 11.18 12.79 4.42
N ALA A 11 12.20 13.56 4.08
CA ALA A 11 13.37 13.01 3.40
C ALA A 11 14.24 12.39 4.50
N ALA A 12 15.14 11.49 4.13
CA ALA A 12 16.06 10.88 5.09
C ALA A 12 16.85 12.00 5.77
N GLN A 13 17.05 11.89 7.07
CA GLN A 13 17.75 12.91 7.83
C GLN A 13 19.19 13.21 7.42
N GLY A 14 19.96 12.18 7.08
CA GLY A 14 21.34 12.42 6.69
C GLY A 14 22.06 11.28 5.99
N ASN A 15 23.03 10.71 6.67
CA ASN A 15 23.79 9.63 6.11
C ASN A 15 23.00 8.36 6.27
N ILE A 16 22.44 7.86 5.17
CA ILE A 16 21.62 6.67 5.24
C ILE A 16 22.36 5.42 5.70
N THR A 17 23.69 5.44 5.73
CA THR A 17 24.45 4.27 6.19
C THR A 17 24.72 4.32 7.67
N ALA A 18 24.38 5.44 8.29
CA ALA A 18 24.59 5.65 9.71
C ALA A 18 23.34 5.49 10.58
N PRO A 19 23.54 5.21 11.88
CA PRO A 19 22.42 5.05 12.81
C PRO A 19 21.55 6.31 12.81
N GLY A 20 20.28 6.16 12.49
CA GLY A 20 19.40 7.31 12.45
C GLY A 20 19.50 8.18 11.22
N GLY A 21 20.38 7.82 10.31
CA GLY A 21 20.55 8.63 9.12
C GLY A 21 19.43 8.51 8.11
N ALA A 22 18.79 7.35 8.07
CA ALA A 22 17.69 7.07 7.13
C ALA A 22 16.30 7.47 7.65
N ARG A 23 16.24 7.99 8.87
CA ARG A 23 14.99 8.41 9.47
C ARG A 23 14.35 9.57 8.73
N ARG A 24 13.02 9.57 8.70
CA ARG A 24 12.25 10.60 8.02
C ARG A 24 11.59 11.46 9.07
N LEU A 25 11.48 10.94 10.28
CA LEU A 25 10.85 11.70 11.34
C LEU A 25 11.90 12.46 12.10
N THR A 26 11.60 13.71 12.40
CA THR A 26 12.53 14.55 13.15
C THR A 26 12.19 14.52 14.64
N GLY A 27 10.96 14.15 14.97
CA GLY A 27 10.54 14.08 16.36
C GLY A 27 9.18 13.43 16.46
N ASP A 28 8.54 13.58 17.62
CA ASP A 28 7.23 13.00 17.88
C ASP A 28 6.09 13.68 17.10
N GLN A 29 5.27 12.88 16.44
CA GLN A 29 4.17 13.38 15.63
C GLN A 29 2.89 13.74 16.37
N THR A 30 2.67 13.14 17.53
CA THR A 30 1.43 13.33 18.26
C THR A 30 0.78 14.70 18.28
N ALA A 31 1.49 15.70 18.81
CA ALA A 31 0.93 17.04 18.91
C ALA A 31 0.65 17.69 17.57
N ALA A 32 1.55 17.51 16.61
CA ALA A 32 1.38 18.07 15.29
C ALA A 32 0.21 17.41 14.57
N LEU A 33 0.05 16.11 14.78
CA LEU A 33 -1.01 15.31 14.17
C LEU A 33 -2.32 15.78 14.79
N ARG A 34 -2.30 15.97 16.09
CA ARG A 34 -3.48 16.44 16.80
C ARG A 34 -3.87 17.82 16.25
N ASN A 35 -2.89 18.68 16.05
CA ASN A 35 -3.13 20.03 15.52
C ASN A 35 -3.76 20.02 14.14
N SER A 36 -3.50 18.98 13.35
CA SER A 36 -4.03 18.94 12.00
C SER A 36 -5.42 18.31 11.85
N LEU A 37 -6.04 17.97 12.98
CA LEU A 37 -7.36 17.38 12.97
C LEU A 37 -8.48 18.37 13.23
N SER A 38 -9.23 18.70 12.18
CA SER A 38 -10.35 19.63 12.30
C SER A 38 -11.64 19.13 11.64
N ASP A 39 -12.76 19.26 12.33
CA ASP A 39 -14.03 18.84 11.75
C ASP A 39 -14.88 20.03 11.29
N LYS A 40 -14.23 21.18 11.17
CA LYS A 40 -14.89 22.38 10.69
C LYS A 40 -15.15 22.12 9.20
N PRO A 41 -16.15 22.78 8.62
CA PRO A 41 -16.40 22.52 7.19
C PRO A 41 -15.30 22.95 6.23
N ALA A 42 -15.29 22.28 5.10
CA ALA A 42 -14.33 22.60 4.08
C ALA A 42 -15.11 23.50 3.15
N LYS A 43 -14.45 24.54 2.68
CA LYS A 43 -15.05 25.46 1.75
C LYS A 43 -14.72 25.01 0.32
N ASN A 44 -13.54 24.41 0.16
CA ASN A 44 -13.11 23.95 -1.14
C ASN A 44 -12.60 22.53 -1.03
N ILE A 45 -12.63 21.82 -2.15
CA ILE A 45 -12.14 20.46 -2.21
C ILE A 45 -11.39 20.26 -3.51
N ILE A 46 -10.19 19.72 -3.39
CA ILE A 46 -9.41 19.42 -4.57
C ILE A 46 -9.07 17.95 -4.42
N LEU A 47 -9.54 17.16 -5.37
CA LEU A 47 -9.30 15.73 -5.35
C LEU A 47 -8.35 15.44 -6.51
N LEU A 48 -7.16 14.93 -6.20
CA LEU A 48 -6.22 14.64 -7.25
C LEU A 48 -6.19 13.14 -7.40
N ILE A 49 -6.25 12.64 -8.62
CA ILE A 49 -6.28 11.21 -8.85
C ILE A 49 -5.13 10.79 -9.72
N GLY A 50 -4.39 9.77 -9.28
CA GLY A 50 -3.31 9.25 -10.07
C GLY A 50 -3.91 7.97 -10.62
N ASP A 51 -4.26 7.98 -11.89
CA ASP A 51 -4.90 6.83 -12.51
C ASP A 51 -3.90 5.67 -12.48
N GLY A 52 -4.24 4.61 -11.73
CA GLY A 52 -3.38 3.44 -11.66
C GLY A 52 -2.15 3.66 -10.80
N MET A 53 -2.23 4.60 -9.86
CA MET A 53 -1.09 4.93 -8.99
C MET A 53 -1.13 4.33 -7.60
N GLY A 54 -0.78 3.06 -7.52
CA GLY A 54 -0.75 2.41 -6.22
C GLY A 54 0.54 2.72 -5.46
N ASP A 55 0.70 2.13 -4.28
CA ASP A 55 1.89 2.33 -3.47
C ASP A 55 3.17 1.97 -4.23
N SER A 56 3.09 0.95 -5.08
CA SER A 56 4.24 0.53 -5.86
C SER A 56 4.70 1.58 -6.88
N GLU A 57 3.74 2.20 -7.59
CA GLU A 57 4.01 3.24 -8.58
C GLU A 57 4.62 4.47 -7.91
N ILE A 58 4.17 4.77 -6.70
CA ILE A 58 4.68 5.92 -5.95
C ILE A 58 6.11 5.64 -5.50
N THR A 59 6.34 4.42 -5.04
CA THR A 59 7.66 4.03 -4.57
C THR A 59 8.68 4.04 -5.72
N ALA A 60 8.31 3.48 -6.86
CA ALA A 60 9.23 3.46 -8.00
C ALA A 60 9.58 4.85 -8.53
N ALA A 61 8.62 5.77 -8.51
CA ALA A 61 8.87 7.10 -9.02
C ALA A 61 9.74 7.93 -8.06
N ARG A 62 9.47 7.79 -6.76
CA ARG A 62 10.25 8.48 -5.73
C ARG A 62 11.69 7.99 -5.82
N ASN A 63 11.87 6.68 -5.88
CA ASN A 63 13.19 6.07 -5.98
C ASN A 63 13.97 6.61 -7.16
N TYR A 64 13.32 6.71 -8.31
CA TYR A 64 13.98 7.19 -9.50
C TYR A 64 14.28 8.69 -9.53
N ALA A 65 13.27 9.49 -9.24
CA ALA A 65 13.38 10.94 -9.32
C ALA A 65 13.89 11.65 -8.07
N GLU A 66 13.62 11.11 -6.90
CA GLU A 66 14.07 11.71 -5.66
C GLU A 66 15.06 10.85 -4.88
N GLY A 67 15.24 9.60 -5.29
CA GLY A 67 16.10 8.69 -4.55
C GLY A 67 15.31 7.99 -3.45
N ALA A 68 15.76 6.79 -3.06
CA ALA A 68 15.11 6.00 -2.01
C ALA A 68 14.79 6.81 -0.78
N GLY A 69 15.79 7.56 -0.32
CA GLY A 69 15.61 8.37 0.88
C GLY A 69 15.04 9.74 0.62
N GLY A 70 14.69 10.02 -0.63
CA GLY A 70 14.09 11.29 -0.98
C GLY A 70 12.60 11.35 -0.58
N PHE A 71 11.90 12.34 -1.11
CA PHE A 71 10.49 12.49 -0.79
C PHE A 71 9.82 13.48 -1.73
N PHE A 72 8.60 13.14 -2.16
CA PHE A 72 7.83 13.98 -3.06
C PHE A 72 7.24 15.14 -2.26
N LYS A 73 7.58 16.37 -2.62
CA LYS A 73 7.08 17.57 -1.92
C LYS A 73 5.55 17.67 -1.98
N GLY A 74 4.95 17.11 -3.02
CA GLY A 74 3.49 17.10 -3.15
C GLY A 74 2.88 15.76 -2.63
N ILE A 75 3.03 14.73 -3.44
CA ILE A 75 2.51 13.42 -3.11
C ILE A 75 2.81 12.89 -1.73
N ASP A 76 4.05 13.06 -1.25
CA ASP A 76 4.41 12.55 0.08
C ASP A 76 4.15 13.47 1.24
N ALA A 77 3.75 14.71 0.96
CA ALA A 77 3.53 15.69 2.03
C ALA A 77 2.15 15.77 2.71
N LEU A 78 1.20 14.91 2.35
CA LEU A 78 -0.13 14.96 2.99
C LEU A 78 -0.03 14.20 4.30
N PRO A 79 -0.35 14.85 5.43
CA PRO A 79 -0.26 14.24 6.75
C PRO A 79 -1.15 13.07 7.19
N LEU A 80 -2.42 13.08 6.79
CA LEU A 80 -3.32 11.99 7.19
C LEU A 80 -3.36 10.93 6.09
N THR A 81 -3.05 9.68 6.44
CA THR A 81 -2.98 8.62 5.46
C THR A 81 -3.77 7.36 5.82
N GLY A 82 -4.23 6.62 4.80
CA GLY A 82 -4.95 5.39 4.99
C GLY A 82 -4.83 4.53 3.75
N GLN A 83 -5.60 3.45 3.74
CA GLN A 83 -5.64 2.53 2.62
C GLN A 83 -7.13 2.31 2.31
N TYR A 84 -7.47 2.20 1.04
CA TYR A 84 -8.86 1.94 0.71
C TYR A 84 -9.10 0.88 -0.35
N THR A 85 -10.29 0.26 -0.27
CA THR A 85 -10.72 -0.80 -1.17
C THR A 85 -11.47 -0.26 -2.36
N HIS A 86 -11.27 -0.88 -3.51
CA HIS A 86 -11.88 -0.38 -4.73
C HIS A 86 -12.47 -1.45 -5.64
N TYR A 87 -12.82 -2.59 -5.07
CA TYR A 87 -13.42 -3.68 -5.84
C TYR A 87 -14.72 -3.23 -6.55
N ALA A 88 -14.99 -3.80 -7.71
CA ALA A 88 -16.20 -3.47 -8.46
C ALA A 88 -17.26 -4.59 -8.25
N LEU A 89 -18.31 -4.62 -9.07
CA LEU A 89 -19.35 -5.64 -8.93
C LEU A 89 -19.59 -6.29 -10.27
N ASN A 90 -19.92 -7.57 -10.23
CA ASN A 90 -20.26 -8.29 -11.44
C ASN A 90 -21.69 -7.85 -11.78
N LYS A 91 -21.93 -7.35 -12.99
CA LYS A 91 -23.26 -6.86 -13.36
C LYS A 91 -24.40 -7.88 -13.20
N LYS A 92 -24.17 -9.10 -13.64
CA LYS A 92 -25.17 -10.17 -13.57
C LYS A 92 -25.51 -10.63 -12.15
N THR A 93 -24.48 -11.06 -11.43
CA THR A 93 -24.63 -11.62 -10.09
C THR A 93 -24.66 -10.67 -8.90
N GLY A 94 -24.16 -9.45 -9.09
CA GLY A 94 -24.12 -8.49 -7.99
C GLY A 94 -23.06 -8.84 -6.96
N LYS A 95 -22.20 -9.80 -7.33
CA LYS A 95 -21.10 -10.24 -6.47
C LYS A 95 -19.90 -9.36 -6.77
N PRO A 96 -18.95 -9.23 -5.82
CA PRO A 96 -17.75 -8.41 -6.02
C PRO A 96 -16.90 -8.91 -7.17
N ASP A 97 -16.32 -7.96 -7.89
CA ASP A 97 -15.40 -8.22 -8.99
C ASP A 97 -14.16 -7.53 -8.40
N TYR A 98 -13.17 -8.33 -7.98
CA TYR A 98 -11.97 -7.86 -7.30
C TYR A 98 -11.03 -6.85 -7.97
N VAL A 99 -11.07 -6.77 -9.28
CA VAL A 99 -10.26 -5.84 -10.04
C VAL A 99 -11.15 -4.91 -10.87
N THR A 100 -11.25 -3.66 -10.45
CA THR A 100 -12.03 -2.66 -11.13
C THR A 100 -11.31 -2.02 -12.31
N ASP A 101 -12.08 -1.36 -13.17
CA ASP A 101 -11.54 -0.64 -14.30
C ASP A 101 -11.63 0.82 -13.86
N SER A 102 -11.27 1.75 -14.72
CA SER A 102 -11.31 3.14 -14.31
C SER A 102 -12.73 3.71 -14.16
N ALA A 103 -13.67 3.16 -14.94
CA ALA A 103 -15.07 3.60 -14.91
C ALA A 103 -15.81 3.31 -13.65
N ALA A 104 -15.77 2.06 -13.18
CA ALA A 104 -16.48 1.66 -11.96
C ALA A 104 -15.95 2.35 -10.68
N SER A 105 -14.61 2.53 -10.62
CA SER A 105 -14.00 3.16 -9.45
C SER A 105 -14.34 4.66 -9.41
N ALA A 106 -14.27 5.33 -10.56
CA ALA A 106 -14.59 6.75 -10.62
C ALA A 106 -16.07 7.02 -10.23
N THR A 107 -16.94 6.12 -10.67
CA THR A 107 -18.37 6.19 -10.33
C THR A 107 -18.54 6.00 -8.81
N ALA A 108 -17.74 5.11 -8.23
CA ALA A 108 -17.79 4.84 -6.79
C ALA A 108 -17.55 6.07 -5.97
N TRP A 109 -16.44 6.77 -6.18
CA TRP A 109 -16.20 7.97 -5.36
C TRP A 109 -17.04 9.14 -5.81
N SER A 110 -17.49 9.15 -7.06
CA SER A 110 -18.30 10.28 -7.50
C SER A 110 -19.80 10.19 -7.18
N THR A 111 -20.33 8.99 -6.98
CA THR A 111 -21.75 8.81 -6.66
C THR A 111 -22.02 8.11 -5.32
N GLY A 112 -21.04 7.38 -4.79
CA GLY A 112 -21.24 6.71 -3.52
C GLY A 112 -21.83 5.31 -3.63
N VAL A 113 -21.86 4.80 -4.86
CA VAL A 113 -22.39 3.47 -5.12
C VAL A 113 -21.44 2.67 -6.00
N LYS A 114 -21.30 1.39 -5.69
CA LYS A 114 -20.46 0.48 -6.45
C LYS A 114 -21.17 0.18 -7.76
N THR A 115 -20.45 -0.31 -8.74
CA THR A 115 -21.09 -0.62 -9.98
C THR A 115 -20.22 -1.60 -10.75
N TYR A 116 -20.55 -1.85 -12.01
CA TYR A 116 -19.83 -2.80 -12.81
C TYR A 116 -18.78 -2.13 -13.70
N ASN A 117 -17.74 -2.86 -14.04
CA ASN A 117 -16.70 -2.31 -14.89
C ASN A 117 -17.25 -1.82 -16.19
N GLY A 118 -16.95 -0.57 -16.51
CA GLY A 118 -17.41 0.01 -17.75
C GLY A 118 -18.59 0.96 -17.57
N ALA A 119 -19.23 0.92 -16.40
CA ALA A 119 -20.38 1.78 -16.15
C ALA A 119 -19.95 3.17 -15.71
N LEU A 120 -20.60 4.18 -16.27
CA LEU A 120 -20.32 5.55 -15.90
C LEU A 120 -21.52 6.24 -15.29
N GLY A 121 -21.48 6.45 -13.99
CA GLY A 121 -22.54 7.14 -13.30
C GLY A 121 -23.85 6.40 -13.10
N VAL A 122 -23.87 5.10 -13.34
CA VAL A 122 -25.09 4.32 -13.14
C VAL A 122 -24.73 3.13 -12.28
N ASP A 123 -25.70 2.63 -11.52
CA ASP A 123 -25.49 1.45 -10.69
C ASP A 123 -25.62 0.16 -11.50
N ILE A 124 -25.59 -1.01 -10.87
CA ILE A 124 -25.69 -2.25 -11.64
C ILE A 124 -27.04 -2.46 -12.30
N HIS A 125 -28.03 -1.68 -11.90
CA HIS A 125 -29.37 -1.78 -12.45
C HIS A 125 -29.49 -0.77 -13.57
N GLU A 126 -28.38 -0.07 -13.85
CA GLU A 126 -28.34 0.93 -14.89
C GLU A 126 -29.11 2.17 -14.54
N LYS A 127 -29.43 2.34 -13.27
CA LYS A 127 -30.12 3.54 -12.81
C LYS A 127 -29.10 4.62 -12.49
N ASP A 128 -29.42 5.85 -12.85
CA ASP A 128 -28.58 7.03 -12.63
C ASP A 128 -28.52 7.49 -11.19
N HIS A 129 -27.38 8.05 -10.81
CA HIS A 129 -27.20 8.60 -9.49
C HIS A 129 -26.44 9.89 -9.68
N PRO A 130 -26.74 10.90 -8.85
CA PRO A 130 -26.11 12.23 -8.87
C PRO A 130 -24.64 12.18 -8.45
N THR A 131 -23.77 12.85 -9.20
CA THR A 131 -22.34 12.89 -8.90
C THR A 131 -22.07 14.07 -7.95
N ILE A 132 -20.92 14.02 -7.28
CA ILE A 132 -20.50 15.05 -6.33
C ILE A 132 -20.41 16.40 -7.04
N LEU A 133 -20.03 16.42 -8.31
CA LEU A 133 -19.94 17.66 -9.05
C LEU A 133 -21.35 18.26 -9.27
N GLU A 134 -22.31 17.41 -9.65
CA GLU A 134 -23.70 17.87 -9.88
C GLU A 134 -24.24 18.50 -8.61
N MET A 135 -24.02 17.84 -7.49
CA MET A 135 -24.49 18.33 -6.20
C MET A 135 -23.80 19.64 -5.83
N ALA A 136 -22.52 19.74 -6.13
CA ALA A 136 -21.75 20.94 -5.81
C ALA A 136 -22.33 22.11 -6.59
N LYS A 137 -22.50 21.89 -7.89
CA LYS A 137 -23.04 22.88 -8.80
C LYS A 137 -24.44 23.34 -8.39
N ALA A 138 -25.24 22.41 -7.86
CA ALA A 138 -26.59 22.73 -7.42
C ALA A 138 -26.55 23.62 -6.18
N ALA A 139 -25.59 23.38 -5.30
CA ALA A 139 -25.46 24.16 -4.07
C ALA A 139 -24.85 25.53 -4.28
N GLY A 140 -24.42 25.81 -5.51
CA GLY A 140 -23.82 27.11 -5.80
C GLY A 140 -22.30 27.17 -5.98
N LEU A 141 -21.61 26.10 -5.62
CA LEU A 141 -20.17 26.02 -5.75
C LEU A 141 -19.70 25.97 -7.21
N ALA A 142 -18.53 26.53 -7.47
CA ALA A 142 -17.93 26.50 -8.79
C ALA A 142 -17.40 25.09 -8.92
N THR A 143 -17.23 24.60 -10.14
CA THR A 143 -16.77 23.23 -10.33
C THR A 143 -15.74 23.10 -11.43
N GLY A 144 -14.75 22.26 -11.19
CA GLY A 144 -13.71 22.06 -12.19
C GLY A 144 -13.44 20.59 -12.42
N ASN A 145 -13.00 20.29 -13.63
CA ASN A 145 -12.74 18.94 -14.04
C ASN A 145 -11.56 19.02 -15.00
N VAL A 146 -10.40 18.52 -14.55
CA VAL A 146 -9.19 18.56 -15.38
C VAL A 146 -8.49 17.21 -15.42
N SER A 147 -7.95 16.87 -16.58
CA SER A 147 -7.30 15.59 -16.76
C SER A 147 -6.35 15.67 -17.91
N THR A 148 -5.36 14.78 -17.92
CA THR A 148 -4.40 14.73 -19.02
C THR A 148 -4.90 13.79 -20.10
N ALA A 149 -6.00 13.10 -19.82
CA ALA A 149 -6.57 12.19 -20.78
C ALA A 149 -7.64 12.92 -21.61
N GLU A 150 -8.26 12.15 -22.51
CA GLU A 150 -9.39 12.62 -23.31
C GLU A 150 -10.42 12.99 -22.27
N LEU A 151 -11.13 14.06 -22.51
CA LEU A 151 -12.13 14.45 -21.55
C LEU A 151 -13.27 13.39 -21.48
N GLN A 152 -13.33 12.55 -22.50
CA GLN A 152 -14.34 11.47 -22.54
C GLN A 152 -13.90 10.26 -21.74
N HIS A 153 -12.65 10.29 -21.30
CA HIS A 153 -12.08 9.20 -20.53
C HIS A 153 -12.93 9.00 -19.29
N ALA A 154 -12.97 7.77 -18.85
CA ALA A 154 -13.76 7.40 -17.71
C ALA A 154 -13.73 8.31 -16.48
N THR A 155 -12.54 8.70 -16.06
CA THR A 155 -12.40 9.50 -14.85
C THR A 155 -13.01 10.88 -14.91
N PRO A 156 -12.61 11.68 -15.92
CA PRO A 156 -13.28 12.99 -15.93
C PRO A 156 -14.79 12.80 -16.27
N ALA A 157 -15.08 11.84 -17.16
CA ALA A 157 -16.45 11.55 -17.58
C ALA A 157 -17.41 11.24 -16.45
N ALA A 158 -16.97 10.42 -15.50
CA ALA A 158 -17.80 10.00 -14.37
C ALA A 158 -18.43 11.12 -13.55
N LEU A 159 -17.86 12.31 -13.61
CA LEU A 159 -18.42 13.40 -12.84
C LEU A 159 -19.58 14.07 -13.56
N VAL A 160 -19.65 13.93 -14.88
CA VAL A 160 -20.68 14.60 -15.67
C VAL A 160 -21.55 13.74 -16.59
N ALA A 161 -21.31 12.44 -16.65
CA ALA A 161 -22.08 11.62 -17.55
C ALA A 161 -22.61 10.36 -16.90
N HIS A 162 -23.73 9.87 -17.43
CA HIS A 162 -24.39 8.68 -16.93
C HIS A 162 -24.68 7.82 -18.14
N VAL A 163 -23.85 6.82 -18.36
CA VAL A 163 -24.02 5.93 -19.47
C VAL A 163 -23.77 4.54 -18.96
N THR A 164 -24.27 3.59 -19.73
CA THR A 164 -24.17 2.20 -19.38
C THR A 164 -22.84 1.62 -19.89
N SER A 165 -22.19 2.31 -20.80
CA SER A 165 -20.91 1.85 -21.29
C SER A 165 -19.97 3.03 -21.53
N ARG A 166 -18.79 2.96 -20.91
CA ARG A 166 -17.74 3.97 -21.03
C ARG A 166 -17.31 4.25 -22.45
N LYS A 167 -17.61 3.32 -23.36
CA LYS A 167 -17.26 3.51 -24.76
C LYS A 167 -18.16 4.50 -25.51
N CYS A 168 -19.22 4.95 -24.86
CA CYS A 168 -20.14 5.86 -25.54
C CYS A 168 -19.68 7.32 -25.52
N TYR A 169 -18.57 7.54 -26.24
CA TYR A 169 -17.90 8.83 -26.37
C TYR A 169 -18.72 9.95 -26.99
N GLY A 170 -19.09 9.77 -28.26
CA GLY A 170 -19.86 10.78 -28.97
C GLY A 170 -21.15 10.20 -29.52
N PRO A 171 -21.92 10.95 -30.33
CA PRO A 171 -23.18 10.48 -30.92
C PRO A 171 -23.13 9.12 -31.65
N SER A 172 -22.13 8.92 -32.51
CA SER A 172 -22.03 7.68 -33.28
C SER A 172 -21.80 6.40 -32.49
N ALA A 173 -21.03 6.46 -31.41
CA ALA A 173 -20.78 5.28 -30.62
C ALA A 173 -21.97 5.03 -29.69
N THR A 174 -22.57 6.10 -29.18
CA THR A 174 -23.71 5.98 -28.26
C THR A 174 -24.93 5.28 -28.87
N SER A 175 -25.20 5.56 -30.15
CA SER A 175 -26.34 4.96 -30.84
C SER A 175 -26.18 3.47 -30.94
N GLN A 176 -24.94 3.02 -31.13
CA GLN A 176 -24.65 1.60 -31.25
C GLN A 176 -24.49 0.86 -29.93
N LYS A 177 -23.78 1.47 -28.98
CA LYS A 177 -23.50 0.82 -27.72
C LYS A 177 -24.32 1.23 -26.52
N CYS A 178 -24.87 2.44 -26.52
CA CYS A 178 -25.70 2.88 -25.39
C CYS A 178 -27.01 3.41 -25.99
N PRO A 179 -27.77 2.55 -26.71
CA PRO A 179 -29.04 2.92 -27.34
C PRO A 179 -30.01 3.55 -26.36
N GLY A 180 -29.98 3.08 -25.12
CA GLY A 180 -30.85 3.66 -24.10
C GLY A 180 -30.45 5.06 -23.67
N ASN A 181 -29.24 5.51 -24.03
CA ASN A 181 -28.78 6.85 -23.65
C ASN A 181 -28.75 7.74 -24.87
N ALA A 182 -28.87 7.14 -26.05
CA ALA A 182 -28.84 7.87 -27.31
C ALA A 182 -29.84 9.01 -27.31
N LEU A 183 -29.41 10.15 -27.86
CA LEU A 183 -30.27 11.34 -27.91
C LEU A 183 -31.48 11.09 -28.80
N GLU A 184 -31.26 10.55 -29.99
CA GLU A 184 -32.35 10.23 -30.92
C GLU A 184 -33.37 9.30 -30.29
N LYS A 185 -32.95 8.49 -29.32
CA LYS A 185 -33.84 7.53 -28.67
C LYS A 185 -34.41 8.01 -27.35
N GLY A 186 -34.38 9.32 -27.14
CA GLY A 186 -34.94 9.85 -25.92
C GLY A 186 -34.03 9.80 -24.70
N GLY A 187 -32.75 9.51 -24.91
CA GLY A 187 -31.81 9.43 -23.81
C GLY A 187 -31.06 10.73 -23.55
N LYS A 188 -30.34 10.79 -22.43
CA LYS A 188 -29.55 11.95 -22.06
C LYS A 188 -28.43 12.27 -23.02
N GLY A 189 -28.01 11.30 -23.81
CA GLY A 189 -26.97 11.57 -24.77
C GLY A 189 -25.63 10.96 -24.41
N SER A 190 -24.71 11.08 -25.35
CA SER A 190 -23.37 10.57 -25.19
C SER A 190 -22.64 11.30 -24.05
N ILE A 191 -21.47 10.79 -23.72
CA ILE A 191 -20.63 11.39 -22.66
C ILE A 191 -20.35 12.87 -22.98
N THR A 192 -19.89 13.12 -24.19
CA THR A 192 -19.56 14.47 -24.62
C THR A 192 -20.78 15.39 -24.57
N GLU A 193 -21.94 14.89 -24.99
CA GLU A 193 -23.17 15.69 -24.94
C GLU A 193 -23.56 15.94 -23.50
N GLN A 194 -23.44 14.93 -22.64
CA GLN A 194 -23.80 15.13 -21.25
C GLN A 194 -22.79 16.07 -20.58
N LEU A 195 -21.54 16.04 -21.02
CA LEU A 195 -20.52 16.92 -20.44
C LEU A 195 -20.92 18.36 -20.72
N LEU A 196 -21.28 18.64 -21.98
CA LEU A 196 -21.71 19.99 -22.40
C LEU A 196 -22.93 20.47 -21.64
N ASN A 197 -23.83 19.54 -21.30
CA ASN A 197 -25.04 19.90 -20.56
C ASN A 197 -24.70 20.20 -19.12
N ALA A 198 -23.79 19.40 -18.54
CA ALA A 198 -23.42 19.57 -17.14
C ALA A 198 -22.86 20.97 -16.86
N ARG A 199 -22.09 21.51 -17.80
CA ARG A 199 -21.56 22.86 -17.70
C ARG A 199 -20.75 23.17 -16.44
N ALA A 200 -19.66 22.44 -16.23
CA ALA A 200 -18.81 22.72 -15.08
C ALA A 200 -18.16 24.04 -15.46
N ASP A 201 -17.86 24.89 -14.46
CA ASP A 201 -17.20 26.18 -14.75
C ASP A 201 -15.87 26.05 -15.49
N VAL A 202 -15.06 25.05 -15.09
CA VAL A 202 -13.77 24.78 -15.75
C VAL A 202 -13.63 23.31 -16.13
N THR A 203 -13.27 23.06 -17.37
CA THR A 203 -13.08 21.69 -17.86
C THR A 203 -11.91 21.76 -18.82
N LEU A 204 -10.86 20.99 -18.54
CA LEU A 204 -9.66 21.03 -19.37
C LEU A 204 -9.06 19.66 -19.56
N GLY A 205 -8.65 19.34 -20.78
CA GLY A 205 -8.03 18.07 -21.04
C GLY A 205 -7.86 17.84 -22.51
N GLY A 206 -7.83 16.57 -22.92
CA GLY A 206 -7.72 16.25 -24.33
C GLY A 206 -9.09 15.81 -24.87
N GLY A 207 -9.06 15.09 -25.98
CA GLY A 207 -10.29 14.59 -26.57
C GLY A 207 -11.02 15.58 -27.47
N ALA A 208 -10.27 16.28 -28.30
CA ALA A 208 -10.90 17.23 -29.19
C ALA A 208 -11.59 16.50 -30.34
N LYS A 209 -11.07 15.34 -30.73
CA LYS A 209 -11.63 14.58 -31.86
C LYS A 209 -13.11 14.23 -31.74
N THR A 210 -13.59 13.92 -30.54
CA THR A 210 -15.00 13.58 -30.37
C THR A 210 -15.92 14.79 -30.50
N PHE A 211 -15.36 15.99 -30.42
CA PHE A 211 -16.15 17.20 -30.54
C PHE A 211 -16.45 17.53 -32.00
N ALA A 212 -15.85 16.78 -32.91
CA ALA A 212 -16.10 17.02 -34.33
C ALA A 212 -17.31 16.21 -34.81
N GLU A 213 -17.93 15.47 -33.90
CA GLU A 213 -19.11 14.69 -34.22
C GLU A 213 -20.32 15.59 -34.13
N THR A 214 -21.26 15.40 -35.07
CA THR A 214 -22.48 16.20 -35.11
C THR A 214 -23.59 15.50 -34.34
N ALA A 215 -24.41 16.27 -33.64
CA ALA A 215 -25.50 15.69 -32.88
C ALA A 215 -26.56 15.20 -33.89
N THR A 216 -27.23 14.13 -33.52
CA THR A 216 -28.25 13.50 -34.34
C THR A 216 -29.66 13.99 -34.03
N ALA A 217 -29.80 14.72 -32.94
CA ALA A 217 -31.11 15.17 -32.54
C ALA A 217 -30.96 16.34 -31.59
N GLY A 218 -32.06 16.70 -30.94
CA GLY A 218 -32.08 17.78 -29.97
C GLY A 218 -31.99 19.15 -30.60
N GLU A 219 -31.95 20.17 -29.75
CA GLU A 219 -31.88 21.53 -30.26
C GLU A 219 -30.71 21.86 -31.18
N TRP A 220 -29.62 21.09 -31.10
CA TRP A 220 -28.44 21.35 -31.92
C TRP A 220 -28.09 20.28 -32.94
N GLN A 221 -29.07 19.52 -33.39
CA GLN A 221 -28.76 18.48 -34.36
C GLN A 221 -28.19 19.14 -35.61
N GLY A 222 -27.32 18.41 -36.30
CA GLY A 222 -26.68 18.93 -37.50
C GLY A 222 -25.37 19.67 -37.24
N LYS A 223 -25.21 20.22 -36.04
CA LYS A 223 -24.00 20.91 -35.69
C LYS A 223 -23.03 20.02 -34.92
N THR A 224 -21.73 20.25 -35.14
CA THR A 224 -20.70 19.49 -34.42
C THR A 224 -20.83 19.84 -32.97
N LEU A 225 -20.29 18.98 -32.12
CA LEU A 225 -20.36 19.26 -30.70
C LEU A 225 -19.53 20.52 -30.38
N ARG A 226 -18.52 20.83 -31.21
CA ARG A 226 -17.72 22.06 -30.99
C ARG A 226 -18.60 23.28 -31.27
N GLU A 227 -19.33 23.27 -32.40
CA GLU A 227 -20.23 24.37 -32.75
C GLU A 227 -21.27 24.60 -31.65
N GLU A 228 -21.73 23.52 -31.05
CA GLU A 228 -22.72 23.58 -29.98
C GLU A 228 -22.15 24.24 -28.73
N ALA A 229 -20.93 23.84 -28.37
CA ALA A 229 -20.20 24.38 -27.21
C ALA A 229 -20.17 25.88 -27.34
N GLU A 230 -19.71 26.33 -28.50
CA GLU A 230 -19.61 27.75 -28.81
C GLU A 230 -20.98 28.38 -28.70
N ALA A 231 -21.95 27.80 -29.41
CA ALA A 231 -23.34 28.28 -29.38
C ALA A 231 -23.89 28.40 -27.96
N ARG A 232 -23.48 27.52 -27.05
CA ARG A 232 -23.98 27.57 -25.67
C ARG A 232 -23.17 28.43 -24.69
N GLY A 233 -22.25 29.25 -25.21
CA GLY A 233 -21.48 30.14 -24.35
C GLY A 233 -20.11 29.72 -23.82
N TYR A 234 -19.66 28.52 -24.18
CA TYR A 234 -18.36 28.03 -23.73
C TYR A 234 -17.23 28.79 -24.37
N GLN A 235 -16.20 29.06 -23.56
CA GLN A 235 -14.99 29.70 -24.04
C GLN A 235 -14.12 28.50 -24.39
N LEU A 236 -13.63 28.43 -25.61
CA LEU A 236 -12.80 27.32 -26.01
C LEU A 236 -11.33 27.72 -26.23
N VAL A 237 -10.42 27.13 -25.46
CA VAL A 237 -9.00 27.41 -25.59
C VAL A 237 -8.31 26.12 -26.00
N SER A 238 -7.20 26.21 -26.72
CA SER A 238 -6.51 25.01 -27.19
C SER A 238 -5.00 24.88 -26.88
N ASP A 239 -4.45 25.83 -26.13
CA ASP A 239 -3.03 25.80 -25.77
C ASP A 239 -2.74 26.64 -24.53
N ALA A 240 -1.53 26.52 -24.02
CA ALA A 240 -1.12 27.20 -22.80
C ALA A 240 -1.34 28.71 -22.87
N ALA A 241 -0.94 29.29 -23.99
CA ALA A 241 -1.07 30.72 -24.20
C ALA A 241 -2.53 31.18 -24.03
N SER A 242 -3.43 30.65 -24.85
CA SER A 242 -4.84 31.03 -24.74
C SER A 242 -5.41 30.65 -23.38
N LEU A 243 -4.92 29.57 -22.79
CA LEU A 243 -5.41 29.17 -21.47
C LEU A 243 -5.08 30.27 -20.47
N ASN A 244 -3.87 30.80 -20.53
CA ASN A 244 -3.46 31.86 -19.62
C ASN A 244 -4.18 33.20 -19.82
N SER A 245 -4.60 33.50 -21.05
CA SER A 245 -5.29 34.75 -21.28
C SER A 245 -6.75 34.76 -20.78
N VAL A 246 -7.22 33.63 -20.24
CA VAL A 246 -8.58 33.57 -19.72
C VAL A 246 -8.58 34.28 -18.38
N THR A 247 -9.49 35.22 -18.18
CA THR A 247 -9.55 35.96 -16.93
C THR A 247 -10.64 35.56 -16.00
N GLU A 248 -11.65 34.89 -16.54
CA GLU A 248 -12.78 34.44 -15.75
C GLU A 248 -13.47 33.25 -16.41
N ALA A 249 -14.16 32.50 -15.59
CA ALA A 249 -14.91 31.35 -16.04
C ALA A 249 -16.01 31.19 -15.01
N ASN A 250 -17.24 31.11 -15.49
CA ASN A 250 -18.40 30.93 -14.63
C ASN A 250 -19.51 30.35 -15.49
N GLN A 251 -20.72 30.33 -14.96
CA GLN A 251 -21.87 29.79 -15.66
C GLN A 251 -22.26 30.56 -16.94
N GLN A 252 -21.91 31.84 -17.02
CA GLN A 252 -22.23 32.59 -18.22
C GLN A 252 -21.15 32.38 -19.27
N LYS A 253 -19.92 32.15 -18.80
CA LYS A 253 -18.76 31.92 -19.66
C LYS A 253 -17.96 30.75 -19.07
N PRO A 254 -18.42 29.54 -19.28
CA PRO A 254 -17.69 28.39 -18.76
C PRO A 254 -16.49 28.17 -19.67
N LEU A 255 -15.41 27.63 -19.12
CA LEU A 255 -14.21 27.40 -19.92
C LEU A 255 -14.07 25.94 -20.26
N LEU A 256 -13.66 25.69 -21.49
CA LEU A 256 -13.47 24.35 -21.95
C LEU A 256 -12.17 24.34 -22.78
N GLY A 257 -11.17 23.62 -22.30
CA GLY A 257 -9.89 23.52 -22.98
C GLY A 257 -9.67 22.15 -23.54
N LEU A 258 -9.33 22.09 -24.83
CA LEU A 258 -9.10 20.84 -25.54
C LEU A 258 -7.71 20.95 -26.12
N PHE A 259 -6.73 20.44 -25.39
CA PHE A 259 -5.33 20.56 -25.78
C PHE A 259 -4.74 19.44 -26.59
N ALA A 260 -5.57 18.43 -26.90
CA ALA A 260 -5.14 17.28 -27.70
C ALA A 260 -6.34 16.57 -28.34
N ASP A 261 -6.11 15.92 -29.47
CA ASP A 261 -7.16 15.17 -30.17
C ASP A 261 -7.65 14.07 -29.24
N GLY A 262 -6.68 13.28 -28.79
CA GLY A 262 -6.93 12.19 -27.85
C GLY A 262 -6.32 12.57 -26.52
N ASN A 263 -5.45 11.72 -25.99
CA ASN A 263 -4.78 12.00 -24.73
C ASN A 263 -3.61 12.94 -24.97
N MET A 264 -3.29 13.75 -23.96
CA MET A 264 -2.16 14.67 -24.03
C MET A 264 -0.88 13.83 -23.98
N PRO A 265 0.19 14.28 -24.67
CA PRO A 265 1.46 13.55 -24.71
C PRO A 265 2.13 13.41 -23.36
N VAL A 266 2.85 12.30 -23.16
CA VAL A 266 3.56 12.08 -21.89
C VAL A 266 4.83 12.93 -21.83
N ARG A 267 5.26 13.24 -20.62
CA ARG A 267 6.45 14.06 -20.38
C ARG A 267 7.82 13.44 -20.67
N TRP A 268 7.99 12.17 -20.33
CA TRP A 268 9.27 11.50 -20.56
C TRP A 268 9.22 10.38 -21.56
N LEU A 269 10.34 10.18 -22.21
CA LEU A 269 10.48 9.15 -23.19
C LEU A 269 11.47 8.14 -22.63
N GLY A 270 11.26 6.87 -22.96
CA GLY A 270 12.11 5.79 -22.53
C GLY A 270 11.65 4.57 -23.28
N PRO A 271 12.50 3.56 -23.43
CA PRO A 271 12.09 2.33 -24.15
C PRO A 271 11.03 1.56 -23.36
N LYS A 272 10.44 0.57 -24.02
CA LYS A 272 9.44 -0.28 -23.39
C LYS A 272 10.19 -1.43 -22.73
N ALA A 273 9.73 -1.86 -21.56
CA ALA A 273 10.35 -2.99 -20.86
C ALA A 273 10.27 -4.18 -21.82
N THR A 274 11.22 -5.10 -21.73
CA THR A 274 11.24 -6.25 -22.62
C THR A 274 11.58 -7.48 -21.80
N TYR A 275 11.35 -8.65 -22.37
CA TYR A 275 11.63 -9.90 -21.68
C TYR A 275 13.14 -10.03 -21.40
N HIS A 276 13.53 -10.22 -20.13
CA HIS A 276 14.95 -10.30 -19.72
C HIS A 276 15.64 -8.97 -20.06
N GLY A 277 14.88 -7.89 -20.02
CA GLY A 277 15.43 -6.59 -20.35
C GLY A 277 16.42 -6.06 -19.33
N ASN A 278 16.31 -6.50 -18.08
CA ASN A 278 17.25 -6.04 -17.05
C ASN A 278 18.59 -6.78 -17.19
N ILE A 279 18.60 -7.90 -17.89
CA ILE A 279 19.80 -8.69 -18.08
C ILE A 279 20.52 -8.34 -19.39
N ASP A 280 19.76 -8.37 -20.49
CA ASP A 280 20.29 -8.13 -21.83
C ASP A 280 20.34 -6.73 -22.39
N LYS A 281 19.75 -5.79 -21.67
CA LYS A 281 19.75 -4.41 -22.12
C LYS A 281 20.35 -3.53 -21.03
N PRO A 282 21.00 -2.45 -21.47
CA PRO A 282 21.63 -1.52 -20.52
C PRO A 282 20.60 -0.76 -19.68
N ALA A 283 20.99 -0.34 -18.48
CA ALA A 283 20.11 0.39 -17.61
C ALA A 283 19.76 1.66 -18.38
N VAL A 284 18.60 2.25 -18.14
CA VAL A 284 18.25 3.42 -18.90
C VAL A 284 18.03 4.62 -18.03
N THR A 285 18.20 5.78 -18.64
CA THR A 285 17.98 7.03 -17.97
C THR A 285 16.93 7.73 -18.84
N CYS A 286 15.84 8.16 -18.24
CA CYS A 286 14.76 8.80 -18.99
C CYS A 286 15.19 10.17 -19.50
N THR A 287 14.54 10.61 -20.56
CA THR A 287 14.83 11.90 -21.16
C THR A 287 13.50 12.53 -21.49
N PRO A 288 13.47 13.84 -21.68
CA PRO A 288 12.22 14.53 -22.02
C PRO A 288 11.63 14.07 -23.35
N ASN A 289 10.31 14.03 -23.42
CA ASN A 289 9.62 13.64 -24.64
C ASN A 289 9.69 14.79 -25.64
N PRO A 290 10.33 14.54 -26.79
CA PRO A 290 10.43 15.59 -27.81
C PRO A 290 9.09 15.82 -28.52
N GLN A 291 8.22 14.81 -28.59
CA GLN A 291 6.92 14.96 -29.24
C GLN A 291 5.96 15.83 -28.45
N ARG A 292 6.33 16.23 -27.24
CA ARG A 292 5.45 17.05 -26.44
C ARG A 292 5.82 18.53 -26.55
N ASN A 293 5.00 19.30 -27.24
CA ASN A 293 5.24 20.74 -27.43
C ASN A 293 5.11 21.57 -26.16
N ASP A 294 5.84 22.68 -26.10
CA ASP A 294 5.79 23.56 -24.93
C ASP A 294 4.46 24.33 -24.90
N SER A 295 3.71 24.28 -26.00
CA SER A 295 2.40 24.94 -26.06
C SER A 295 1.32 24.11 -25.35
N VAL A 296 1.59 22.81 -25.19
CA VAL A 296 0.67 21.93 -24.49
C VAL A 296 0.90 22.18 -23.01
N PRO A 297 -0.08 22.74 -22.31
CA PRO A 297 0.10 23.01 -20.88
C PRO A 297 0.34 21.72 -20.10
N THR A 298 0.95 21.84 -18.94
CA THR A 298 1.22 20.67 -18.10
C THR A 298 0.11 20.51 -17.10
N LEU A 299 0.10 19.40 -16.39
CA LEU A 299 -0.93 19.18 -15.42
C LEU A 299 -0.89 20.26 -14.35
N ALA A 300 0.30 20.65 -13.91
CA ALA A 300 0.41 21.69 -12.88
C ALA A 300 -0.10 23.02 -13.35
N GLN A 301 0.11 23.33 -14.63
CA GLN A 301 -0.36 24.59 -15.19
C GLN A 301 -1.88 24.63 -15.24
N MET A 302 -2.49 23.53 -15.70
CA MET A 302 -3.94 23.44 -15.76
C MET A 302 -4.49 23.55 -14.37
N THR A 303 -3.87 22.85 -13.43
CA THR A 303 -4.32 22.88 -12.07
C THR A 303 -4.29 24.28 -11.47
N ASP A 304 -3.20 24.98 -11.72
CA ASP A 304 -3.02 26.32 -11.20
C ASP A 304 -4.02 27.31 -11.81
N LYS A 305 -4.20 27.27 -13.13
CA LYS A 305 -5.17 28.15 -13.78
C LYS A 305 -6.61 27.90 -13.26
N ALA A 306 -6.98 26.62 -13.19
CA ALA A 306 -8.28 26.24 -12.70
C ALA A 306 -8.50 26.75 -11.29
N ILE A 307 -7.53 26.56 -10.40
CA ILE A 307 -7.68 27.02 -9.02
C ILE A 307 -7.91 28.51 -8.98
N GLU A 308 -7.21 29.24 -9.85
CA GLU A 308 -7.34 30.70 -9.90
C GLU A 308 -8.75 31.14 -10.31
N LEU A 309 -9.24 30.56 -11.40
CA LEU A 309 -10.58 30.88 -11.90
C LEU A 309 -11.67 30.46 -10.90
N LEU A 310 -11.52 29.29 -10.32
CA LEU A 310 -12.48 28.74 -9.35
C LEU A 310 -12.58 29.44 -8.00
N SER A 311 -11.44 29.84 -7.42
CA SER A 311 -11.42 30.49 -6.10
C SER A 311 -12.10 31.85 -6.08
N LYS A 312 -12.48 32.33 -7.25
CA LYS A 312 -13.20 33.60 -7.38
C LYS A 312 -14.63 33.43 -6.84
N ASN A 313 -15.08 32.18 -6.72
CA ASN A 313 -16.40 31.91 -6.19
C ASN A 313 -16.40 31.93 -4.68
N GLU A 314 -17.19 32.84 -4.13
CA GLU A 314 -17.35 33.06 -2.70
C GLU A 314 -17.88 31.85 -1.93
N LYS A 315 -18.78 31.10 -2.54
CA LYS A 315 -19.35 29.94 -1.88
C LYS A 315 -18.31 28.86 -1.75
N GLY A 316 -17.50 28.70 -2.78
CA GLY A 316 -16.46 27.69 -2.73
C GLY A 316 -16.38 27.00 -4.06
N PHE A 317 -15.58 25.95 -4.13
CA PHE A 317 -15.44 25.22 -5.38
C PHE A 317 -15.07 23.79 -5.14
N PHE A 318 -15.29 22.97 -6.15
CA PHE A 318 -14.93 21.56 -6.10
C PHE A 318 -14.12 21.35 -7.36
N LEU A 319 -12.93 20.79 -7.23
CA LEU A 319 -12.08 20.54 -8.37
C LEU A 319 -11.50 19.14 -8.34
N GLN A 320 -11.55 18.46 -9.49
CA GLN A 320 -10.97 17.13 -9.61
C GLN A 320 -9.86 17.22 -10.65
N VAL A 321 -8.69 16.69 -10.31
CA VAL A 321 -7.55 16.72 -11.21
C VAL A 321 -7.08 15.29 -11.38
N GLU A 322 -6.78 14.92 -12.62
CA GLU A 322 -6.34 13.58 -12.90
C GLU A 322 -5.06 13.45 -13.70
N GLY A 323 -4.13 12.64 -13.22
CA GLY A 323 -2.91 12.37 -13.95
C GLY A 323 -3.21 11.02 -14.56
N ALA A 324 -3.73 11.03 -15.78
CA ALA A 324 -4.15 9.82 -16.48
C ALA A 324 -3.15 8.82 -16.98
N SER A 325 -2.08 9.30 -17.62
CA SER A 325 -1.09 8.42 -18.20
C SER A 325 -0.16 7.58 -17.33
N ILE A 326 -0.29 7.70 -16.01
CA ILE A 326 0.50 6.85 -15.11
C ILE A 326 -0.03 5.45 -15.43
N ASP A 327 -1.36 5.37 -15.50
CA ASP A 327 -2.06 4.13 -15.83
C ASP A 327 -1.76 3.69 -17.25
N LYS A 328 -1.89 4.59 -18.21
CA LYS A 328 -1.63 4.21 -19.59
C LYS A 328 -0.23 3.67 -19.82
N GLN A 329 0.77 4.32 -19.23
CA GLN A 329 2.17 3.88 -19.41
C GLN A 329 2.45 2.59 -18.67
N ASN A 330 1.71 2.35 -17.60
CA ASN A 330 1.81 1.09 -16.86
C ASN A 330 1.30 -0.06 -17.80
N HIS A 331 0.17 0.19 -18.49
CA HIS A 331 -0.41 -0.78 -19.43
C HIS A 331 0.62 -1.07 -20.51
N ALA A 332 1.25 -0.01 -21.01
CA ALA A 332 2.28 -0.12 -22.05
C ALA A 332 3.66 -0.61 -21.59
N ALA A 333 3.82 -0.88 -20.29
CA ALA A 333 5.10 -1.38 -19.77
C ALA A 333 6.26 -0.42 -20.10
N ASN A 334 6.06 0.86 -19.82
CA ASN A 334 7.06 1.87 -20.11
C ASN A 334 7.35 2.63 -18.81
N PRO A 335 8.40 2.23 -18.08
CA PRO A 335 8.82 2.83 -16.80
C PRO A 335 9.03 4.34 -16.86
N CYS A 336 9.73 4.83 -17.87
CA CYS A 336 9.97 6.27 -17.99
C CYS A 336 8.67 7.05 -18.20
N GLY A 337 7.83 6.55 -19.10
CA GLY A 337 6.55 7.20 -19.35
C GLY A 337 5.73 7.27 -18.08
N GLN A 338 5.67 6.15 -17.37
CA GLN A 338 4.94 6.01 -16.14
C GLN A 338 5.48 6.87 -15.02
N ILE A 339 6.81 6.90 -14.89
CA ILE A 339 7.45 7.70 -13.85
C ILE A 339 7.31 9.19 -14.16
N GLY A 340 7.54 9.58 -15.41
CA GLY A 340 7.40 10.97 -15.77
C GLY A 340 6.02 11.50 -15.41
N GLU A 341 5.00 10.67 -15.64
CA GLU A 341 3.63 11.07 -15.33
C GLU A 341 3.36 11.18 -13.86
N THR A 342 4.09 10.43 -13.04
CA THR A 342 3.90 10.52 -11.60
C THR A 342 4.55 11.82 -11.06
N VAL A 343 5.65 12.25 -11.71
CA VAL A 343 6.37 13.49 -11.36
C VAL A 343 5.46 14.66 -11.72
N ASP A 344 4.83 14.57 -12.90
CA ASP A 344 3.89 15.56 -13.39
C ASP A 344 2.75 15.76 -12.39
N LEU A 345 2.20 14.66 -11.88
CA LEU A 345 1.12 14.72 -10.90
C LEU A 345 1.60 15.36 -9.62
N ASP A 346 2.80 15.00 -9.18
CA ASP A 346 3.36 15.57 -7.97
C ASP A 346 3.40 17.10 -8.01
N GLU A 347 3.76 17.67 -9.15
CA GLU A 347 3.79 19.13 -9.30
C GLU A 347 2.40 19.73 -9.07
N ALA A 348 1.40 19.05 -9.64
CA ALA A 348 0.01 19.47 -9.53
C ALA A 348 -0.41 19.42 -8.08
N VAL A 349 0.03 18.38 -7.36
CA VAL A 349 -0.32 18.25 -5.95
C VAL A 349 0.31 19.41 -5.17
N GLN A 350 1.53 19.80 -5.55
CA GLN A 350 2.21 20.90 -4.88
C GLN A 350 1.39 22.16 -5.04
N ARG A 351 0.93 22.45 -6.26
CA ARG A 351 0.10 23.65 -6.50
C ARG A 351 -1.13 23.66 -5.60
N ALA A 352 -1.75 22.49 -5.48
CA ALA A 352 -2.93 22.33 -4.65
C ALA A 352 -2.64 22.55 -3.18
N LEU A 353 -1.55 21.96 -2.70
CA LEU A 353 -1.17 22.07 -1.29
C LEU A 353 -0.80 23.50 -0.92
N GLU A 354 -0.18 24.20 -1.85
CA GLU A 354 0.22 25.59 -1.64
C GLU A 354 -1.01 26.45 -1.41
N PHE A 355 -2.02 26.26 -2.27
CA PHE A 355 -3.26 27.01 -2.15
C PHE A 355 -3.94 26.64 -0.84
N ALA A 356 -4.05 25.35 -0.57
CA ALA A 356 -4.70 24.87 0.63
C ALA A 356 -4.11 25.40 1.92
N LYS A 357 -2.79 25.49 1.98
CA LYS A 357 -2.15 25.99 3.19
C LYS A 357 -2.40 27.47 3.37
N LYS A 358 -2.33 28.20 2.26
CA LYS A 358 -2.57 29.62 2.26
C LYS A 358 -4.01 29.92 2.62
N GLU A 359 -4.94 29.27 1.94
CA GLU A 359 -6.40 29.46 2.13
C GLU A 359 -6.93 28.95 3.48
N GLY A 360 -6.51 27.75 3.87
CA GLY A 360 -6.90 27.21 5.17
C GLY A 360 -8.23 26.53 5.40
N ASN A 361 -9.07 26.42 4.37
CA ASN A 361 -10.39 25.76 4.50
C ASN A 361 -10.55 24.81 3.34
N THR A 362 -9.43 24.35 2.80
CA THR A 362 -9.44 23.47 1.66
C THR A 362 -9.00 22.07 1.97
N LEU A 363 -9.81 21.08 1.62
CA LEU A 363 -9.50 19.69 1.86
C LEU A 363 -8.86 19.20 0.60
N VAL A 364 -7.63 18.69 0.69
CA VAL A 364 -6.92 18.16 -0.46
C VAL A 364 -6.76 16.66 -0.28
N ILE A 365 -7.11 15.92 -1.33
CA ILE A 365 -7.05 14.46 -1.28
C ILE A 365 -6.27 13.99 -2.49
N VAL A 366 -5.41 13.01 -2.26
CA VAL A 366 -4.60 12.44 -3.32
C VAL A 366 -4.70 10.94 -3.16
N THR A 367 -5.01 10.25 -4.25
CA THR A 367 -5.15 8.80 -4.25
C THR A 367 -5.22 8.30 -5.67
N ALA A 368 -5.52 7.02 -5.83
CA ALA A 368 -5.62 6.43 -7.16
C ALA A 368 -6.97 5.76 -7.30
N ASP A 369 -7.35 5.42 -8.52
CA ASP A 369 -8.61 4.73 -8.74
C ASP A 369 -8.48 3.22 -8.44
N HIS A 370 -7.29 2.66 -8.70
CA HIS A 370 -6.96 1.24 -8.49
C HIS A 370 -5.44 1.01 -8.66
N ALA A 371 -4.98 -0.17 -8.24
CA ALA A 371 -3.59 -0.58 -8.34
C ALA A 371 -3.28 -1.00 -9.77
N HIS A 372 -2.02 -1.31 -10.07
CA HIS A 372 -1.66 -1.66 -11.42
C HIS A 372 -0.58 -2.74 -11.44
N ALA A 373 0.03 -2.99 -12.59
CA ALA A 373 1.03 -4.05 -12.76
C ALA A 373 2.47 -3.90 -12.21
N SER A 374 3.07 -2.72 -12.41
CA SER A 374 4.48 -2.50 -12.04
C SER A 374 4.97 -2.89 -10.67
N GLN A 375 6.08 -3.62 -10.69
CA GLN A 375 6.71 -4.02 -9.45
C GLN A 375 8.21 -3.68 -9.51
N ILE A 376 8.77 -3.42 -8.34
CA ILE A 376 10.18 -3.10 -8.17
C ILE A 376 10.85 -4.39 -7.72
N VAL A 377 11.73 -4.95 -8.55
CA VAL A 377 12.42 -6.20 -8.22
C VAL A 377 13.96 -6.06 -8.17
N ALA A 378 14.63 -7.06 -7.63
CA ALA A 378 16.10 -7.04 -7.53
C ALA A 378 16.72 -6.94 -8.91
N PRO A 379 17.89 -6.30 -9.01
CA PRO A 379 18.64 -6.09 -10.24
C PRO A 379 18.92 -7.32 -11.10
N ASP A 380 19.14 -8.45 -10.46
CA ASP A 380 19.46 -9.70 -11.14
C ASP A 380 18.26 -10.61 -11.39
N THR A 381 17.07 -10.12 -11.09
CA THR A 381 15.84 -10.88 -11.26
C THR A 381 15.71 -11.46 -12.66
N LYS A 382 15.35 -12.73 -12.74
CA LYS A 382 15.11 -13.40 -14.01
C LYS A 382 13.58 -13.61 -13.98
N ALA A 383 12.86 -12.70 -14.62
CA ALA A 383 11.41 -12.70 -14.58
C ALA A 383 10.76 -13.17 -15.87
N PRO A 384 9.51 -13.69 -15.76
CA PRO A 384 8.76 -14.19 -16.93
C PRO A 384 8.13 -13.10 -17.79
N GLY A 385 7.99 -11.89 -17.24
CA GLY A 385 7.37 -10.81 -17.99
C GLY A 385 8.34 -9.84 -18.61
N LEU A 386 7.98 -8.56 -18.56
CA LEU A 386 8.80 -7.51 -19.15
C LEU A 386 9.54 -6.76 -18.04
N THR A 387 10.83 -6.52 -18.24
CA THR A 387 11.63 -5.83 -17.23
C THR A 387 12.54 -4.78 -17.85
N GLN A 388 13.03 -3.88 -17.02
CA GLN A 388 13.90 -2.85 -17.48
C GLN A 388 14.69 -2.35 -16.28
N ALA A 389 15.99 -2.08 -16.47
CA ALA A 389 16.87 -1.55 -15.41
C ALA A 389 16.97 -0.05 -15.67
N LEU A 390 16.87 0.75 -14.61
CA LEU A 390 16.93 2.20 -14.73
C LEU A 390 17.99 2.77 -13.77
N ASN A 391 18.61 3.87 -14.19
CA ASN A 391 19.62 4.57 -13.42
C ASN A 391 18.86 5.56 -12.61
N THR A 392 18.85 5.43 -11.30
CA THR A 392 18.11 6.37 -10.48
C THR A 392 18.93 7.57 -10.03
N LYS A 393 18.30 8.48 -9.29
CA LYS A 393 18.96 9.66 -8.77
C LYS A 393 20.08 9.29 -7.78
N ASP A 394 19.95 8.12 -7.15
CA ASP A 394 20.94 7.63 -6.20
C ASP A 394 22.20 7.10 -6.92
N GLY A 395 22.19 7.02 -8.25
CA GLY A 395 23.34 6.46 -8.92
C GLY A 395 23.32 4.94 -8.80
N ALA A 396 22.17 4.39 -8.40
CA ALA A 396 22.00 2.95 -8.27
C ALA A 396 20.98 2.49 -9.32
N VAL A 397 21.02 1.20 -9.65
CA VAL A 397 20.10 0.61 -10.63
C VAL A 397 18.84 0.07 -9.96
N MET A 398 17.70 0.38 -10.55
CA MET A 398 16.42 -0.11 -10.04
C MET A 398 15.77 -0.86 -11.20
N VAL A 399 15.30 -2.07 -10.93
CA VAL A 399 14.63 -2.86 -11.97
C VAL A 399 13.11 -2.85 -11.72
N MET A 400 12.36 -2.59 -12.80
CA MET A 400 10.92 -2.59 -12.75
C MET A 400 10.40 -3.76 -13.54
N SER A 401 9.39 -4.45 -13.00
CA SER A 401 8.85 -5.63 -13.66
C SER A 401 7.33 -5.50 -13.92
N TYR A 402 6.90 -6.00 -15.07
CA TYR A 402 5.49 -6.04 -15.47
C TYR A 402 5.23 -7.53 -15.79
N GLY A 403 4.67 -8.29 -14.86
CA GLY A 403 4.49 -9.71 -15.12
C GLY A 403 3.11 -10.34 -15.02
N ASN A 404 2.06 -9.58 -15.30
CA ASN A 404 0.72 -10.15 -15.19
C ASN A 404 -0.07 -10.27 -16.49
N SER A 405 0.59 -10.14 -17.64
CA SER A 405 -0.11 -10.28 -18.89
C SER A 405 0.76 -10.66 -20.08
N GLU A 406 0.34 -11.70 -20.80
CA GLU A 406 1.06 -12.15 -21.98
C GLU A 406 0.57 -11.38 -23.19
N GLU A 407 -0.47 -10.58 -22.99
CA GLU A 407 -1.05 -9.78 -24.06
C GLU A 407 -0.27 -8.47 -24.21
N ASP A 408 -0.75 -7.59 -25.08
CA ASP A 408 -0.07 -6.32 -25.31
C ASP A 408 -0.44 -5.17 -24.36
N SER A 409 -0.92 -5.51 -23.18
CA SER A 409 -1.30 -4.50 -22.22
C SER A 409 -1.26 -5.15 -20.86
N GLN A 410 -0.52 -4.55 -19.94
CA GLN A 410 -0.40 -5.05 -18.59
C GLN A 410 -1.67 -4.67 -17.84
N GLU A 411 -2.06 -5.51 -16.88
CA GLU A 411 -3.31 -5.36 -16.15
C GLU A 411 -3.33 -4.66 -14.81
N HIS A 412 -4.53 -4.16 -14.47
CA HIS A 412 -4.77 -3.50 -13.20
C HIS A 412 -4.63 -4.58 -12.16
N THR A 413 -4.49 -4.22 -10.90
CA THR A 413 -4.45 -5.24 -9.87
C THR A 413 -5.41 -4.80 -8.79
N GLY A 414 -5.82 -5.73 -7.95
CA GLY A 414 -6.82 -5.45 -6.94
C GLY A 414 -6.40 -5.03 -5.56
N SER A 415 -5.11 -4.85 -5.32
CA SER A 415 -4.63 -4.45 -4.00
C SER A 415 -5.18 -3.10 -3.50
N GLN A 416 -5.50 -3.04 -2.21
CA GLN A 416 -5.92 -1.81 -1.57
C GLN A 416 -4.68 -0.86 -1.70
N LEU A 417 -4.94 0.44 -1.75
CA LEU A 417 -3.87 1.38 -1.91
C LEU A 417 -4.05 2.64 -1.10
N ARG A 418 -2.98 3.43 -1.09
CA ARG A 418 -2.91 4.65 -0.33
C ARG A 418 -3.86 5.74 -0.72
N ILE A 419 -4.42 6.38 0.29
CA ILE A 419 -5.25 7.54 0.10
C ILE A 419 -4.73 8.51 1.16
N ALA A 420 -4.44 9.75 0.77
CA ALA A 420 -3.92 10.73 1.73
C ALA A 420 -4.68 12.03 1.59
N ALA A 421 -4.77 12.78 2.69
CA ALA A 421 -5.50 14.04 2.68
C ALA A 421 -4.93 15.08 3.63
N TYR A 422 -5.27 16.33 3.35
CA TYR A 422 -4.84 17.48 4.15
C TYR A 422 -6.02 18.46 4.24
N GLY A 423 -6.28 19.02 5.42
CA GLY A 423 -7.36 19.98 5.55
C GLY A 423 -8.54 19.52 6.38
N PRO A 424 -9.66 20.25 6.30
CA PRO A 424 -10.87 19.92 7.05
C PRO A 424 -11.46 18.55 6.67
N HIS A 425 -11.78 17.75 7.69
CA HIS A 425 -12.37 16.41 7.52
C HIS A 425 -11.41 15.37 6.94
N ALA A 426 -10.11 15.68 6.94
CA ALA A 426 -9.11 14.77 6.40
C ALA A 426 -8.98 13.49 7.22
N ALA A 427 -9.37 13.53 8.48
CA ALA A 427 -9.31 12.37 9.35
C ALA A 427 -10.13 11.17 8.84
N ASN A 428 -11.08 11.42 7.95
CA ASN A 428 -11.94 10.35 7.44
C ASN A 428 -11.31 9.48 6.39
N VAL A 429 -10.01 9.70 6.19
CA VAL A 429 -9.25 9.01 5.19
C VAL A 429 -8.33 8.03 5.91
N VAL A 430 -8.31 8.11 7.23
CA VAL A 430 -7.43 7.28 8.03
C VAL A 430 -7.98 5.89 8.32
N GLY A 431 -7.08 4.91 8.35
CA GLY A 431 -7.48 3.53 8.61
C GLY A 431 -7.96 2.94 7.31
N LEU A 432 -8.68 1.83 7.38
CA LEU A 432 -9.21 1.18 6.19
C LEU A 432 -10.58 1.77 5.88
N THR A 433 -10.81 2.16 4.63
CA THR A 433 -12.11 2.67 4.21
C THR A 433 -12.37 2.13 2.81
N ASP A 434 -13.50 2.54 2.23
CA ASP A 434 -13.82 2.09 0.89
C ASP A 434 -13.86 3.31 0.00
N GLN A 435 -13.65 3.08 -1.28
CA GLN A 435 -13.68 4.13 -2.28
C GLN A 435 -15.01 4.91 -2.23
N THR A 436 -16.12 4.23 -1.92
CA THR A 436 -17.45 4.89 -1.80
C THR A 436 -17.53 5.79 -0.56
N ASP A 437 -16.72 5.51 0.47
CA ASP A 437 -16.70 6.38 1.66
C ASP A 437 -16.19 7.75 1.26
N LEU A 438 -15.36 7.80 0.23
CA LEU A 438 -14.80 9.07 -0.23
C LEU A 438 -15.90 10.05 -0.67
N PHE A 439 -16.87 9.56 -1.46
CA PHE A 439 -18.01 10.36 -1.90
C PHE A 439 -18.69 11.01 -0.70
N TYR A 440 -18.99 10.20 0.30
CA TYR A 440 -19.66 10.67 1.48
C TYR A 440 -18.81 11.63 2.30
N THR A 441 -17.49 11.37 2.33
CA THR A 441 -16.56 12.22 3.06
C THR A 441 -16.56 13.60 2.43
N MET A 442 -16.55 13.65 1.10
CA MET A 442 -16.56 14.92 0.41
C MET A 442 -17.91 15.62 0.54
N LYS A 443 -18.98 14.84 0.46
CA LYS A 443 -20.33 15.38 0.55
C LYS A 443 -20.48 16.07 1.89
N ALA A 444 -20.09 15.37 2.93
CA ALA A 444 -20.19 15.90 4.28
C ALA A 444 -19.25 17.08 4.59
N ALA A 445 -18.08 17.16 3.95
CA ALA A 445 -17.12 18.26 4.20
C ALA A 445 -17.63 19.58 3.64
N LEU A 446 -18.27 19.50 2.48
CA LEU A 446 -18.84 20.64 1.80
C LEU A 446 -20.25 20.93 2.32
N GLY A 447 -20.72 20.10 3.24
CA GLY A 447 -22.05 20.27 3.78
C GLY A 447 -23.13 20.16 2.71
N LEU A 448 -22.88 19.35 1.69
CA LEU A 448 -23.83 19.17 0.60
C LEU A 448 -24.99 18.36 1.08
N LYS A 449 -26.19 18.77 0.66
CA LYS A 449 -27.41 18.10 1.05
C LYS A 449 -27.66 16.92 0.13
N VAL B 6 -17.30 2.14 15.30
CA VAL B 6 -16.72 3.50 15.02
C VAL B 6 -15.36 3.38 14.31
N LEU B 7 -14.35 2.92 15.05
CA LEU B 7 -12.99 2.70 14.54
C LEU B 7 -12.65 1.22 14.65
N GLU B 8 -13.55 0.46 15.28
CA GLU B 8 -13.33 -0.95 15.46
C GLU B 8 -14.01 -1.76 14.34
N ASN B 9 -15.09 -1.24 13.76
CA ASN B 9 -15.78 -1.98 12.69
C ASN B 9 -15.66 -1.30 11.34
N ARG B 10 -15.01 -1.97 10.40
CA ARG B 10 -14.81 -1.41 9.08
C ARG B 10 -15.35 -2.25 7.96
N ALA B 11 -16.38 -3.05 8.27
CA ALA B 11 -17.03 -3.88 7.27
C ALA B 11 -17.99 -3.00 6.45
N ALA B 12 -18.36 -3.44 5.26
CA ALA B 12 -19.33 -2.70 4.44
C ALA B 12 -20.62 -2.63 5.27
N GLN B 13 -21.30 -1.50 5.20
CA GLN B 13 -22.53 -1.28 5.98
C GLN B 13 -23.68 -2.22 5.71
N GLY B 14 -24.02 -2.40 4.45
CA GLY B 14 -25.15 -3.24 4.13
C GLY B 14 -25.05 -3.87 2.77
N ASN B 15 -25.93 -3.46 1.88
CA ASN B 15 -25.99 -4.01 0.53
C ASN B 15 -24.96 -3.29 -0.33
N ILE B 16 -23.93 -4.01 -0.73
CA ILE B 16 -22.86 -3.41 -1.52
C ILE B 16 -23.27 -2.93 -2.88
N THR B 17 -24.46 -3.34 -3.35
CA THR B 17 -24.99 -2.93 -4.66
C THR B 17 -25.80 -1.64 -4.55
N ALA B 18 -26.13 -1.27 -3.32
CA ALA B 18 -26.92 -0.07 -3.08
C ALA B 18 -26.03 1.08 -2.63
N PRO B 19 -26.48 2.32 -2.87
CA PRO B 19 -25.76 3.55 -2.50
C PRO B 19 -25.47 3.55 -1.01
N GLY B 20 -24.22 3.76 -0.63
CA GLY B 20 -23.84 3.77 0.77
C GLY B 20 -23.74 2.38 1.39
N GLY B 21 -24.03 1.38 0.57
CA GLY B 21 -24.03 0.01 1.06
C GLY B 21 -22.68 -0.61 1.33
N ALA B 22 -21.68 -0.16 0.58
CA ALA B 22 -20.31 -0.66 0.70
C ALA B 22 -19.42 0.15 1.68
N ARG B 23 -19.97 1.24 2.20
CA ARG B 23 -19.25 2.08 3.13
C ARG B 23 -18.73 1.35 4.35
N ARG B 24 -17.52 1.73 4.79
CA ARG B 24 -16.89 1.13 5.97
C ARG B 24 -16.99 2.08 7.16
N LEU B 25 -17.27 3.34 6.89
CA LEU B 25 -17.35 4.34 7.94
C LEU B 25 -18.79 4.59 8.34
N THR B 26 -19.03 4.62 9.64
CA THR B 26 -20.36 4.86 10.17
C THR B 26 -20.58 6.37 10.30
N GLY B 27 -19.51 7.10 10.61
CA GLY B 27 -19.61 8.55 10.76
C GLY B 27 -18.27 9.24 10.65
N ASP B 28 -18.20 10.47 11.14
CA ASP B 28 -16.99 11.27 11.08
C ASP B 28 -15.93 10.74 12.07
N GLN B 29 -14.72 10.54 11.58
CA GLN B 29 -13.61 10.02 12.39
C GLN B 29 -12.87 11.03 13.26
N THR B 30 -12.86 12.29 12.85
CA THR B 30 -12.14 13.34 13.57
C THR B 30 -12.03 13.25 15.09
N ALA B 31 -13.15 13.35 15.78
CA ALA B 31 -13.13 13.30 17.22
C ALA B 31 -12.64 11.98 17.76
N ALA B 32 -12.99 10.91 17.06
CA ALA B 32 -12.58 9.58 17.48
C ALA B 32 -11.07 9.45 17.34
N LEU B 33 -10.54 9.97 16.23
CA LEU B 33 -9.12 9.91 15.97
C LEU B 33 -8.37 10.78 16.95
N ARG B 34 -8.93 11.96 17.23
CA ARG B 34 -8.32 12.90 18.15
C ARG B 34 -8.16 12.24 19.53
N ASN B 35 -9.17 11.49 19.92
CA ASN B 35 -9.16 10.79 21.20
C ASN B 35 -8.10 9.70 21.32
N SER B 36 -7.75 9.09 20.20
CA SER B 36 -6.76 8.02 20.22
C SER B 36 -5.31 8.51 20.13
N LEU B 37 -5.11 9.81 20.02
CA LEU B 37 -3.77 10.39 19.96
C LEU B 37 -3.26 10.68 21.36
N SER B 38 -2.35 9.85 21.83
CA SER B 38 -1.79 9.98 23.16
C SER B 38 -0.26 9.91 23.13
N ASP B 39 0.41 10.88 23.74
CA ASP B 39 1.85 10.86 23.76
C ASP B 39 2.42 10.46 25.11
N LYS B 40 1.58 9.83 25.93
CA LYS B 40 2.03 9.37 27.23
C LYS B 40 2.87 8.13 26.98
N PRO B 41 3.70 7.78 27.95
CA PRO B 41 4.56 6.60 27.80
C PRO B 41 3.85 5.26 27.67
N ALA B 42 4.42 4.42 26.80
CA ALA B 42 3.93 3.07 26.59
C ALA B 42 4.65 2.21 27.62
N LYS B 43 3.88 1.40 28.33
CA LYS B 43 4.44 0.52 29.33
C LYS B 43 4.93 -0.75 28.64
N ASN B 44 4.19 -1.16 27.61
CA ASN B 44 4.53 -2.36 26.86
C ASN B 44 4.43 -2.09 25.39
N ILE B 45 5.12 -2.90 24.60
CA ILE B 45 5.05 -2.80 23.16
C ILE B 45 4.94 -4.19 22.59
N ILE B 46 3.99 -4.38 21.66
CA ILE B 46 3.84 -5.66 21.00
C ILE B 46 3.98 -5.32 19.51
N LEU B 47 5.03 -5.85 18.89
CA LEU B 47 5.25 -5.62 17.47
C LEU B 47 4.91 -6.92 16.75
N LEU B 48 3.96 -6.87 15.82
CA LEU B 48 3.55 -8.06 15.07
C LEU B 48 4.04 -7.87 13.65
N ILE B 49 4.75 -8.85 13.13
CA ILE B 49 5.30 -8.77 11.79
C ILE B 49 4.72 -9.86 10.89
N GLY B 50 4.22 -9.46 9.72
CA GLY B 50 3.73 -10.42 8.76
C GLY B 50 4.83 -10.40 7.74
N ASP B 51 5.59 -11.49 7.66
CA ASP B 51 6.72 -11.55 6.75
C ASP B 51 6.22 -11.55 5.30
N GLY B 52 6.57 -10.52 4.55
CA GLY B 52 6.17 -10.43 3.15
C GLY B 52 4.73 -9.99 2.98
N MET B 53 4.12 -9.49 4.04
CA MET B 53 2.72 -9.06 4.06
C MET B 53 2.42 -7.60 3.68
N GLY B 54 2.56 -7.33 2.40
CA GLY B 54 2.25 -6.00 1.92
C GLY B 54 0.72 -5.85 1.80
N ASP B 55 0.28 -4.71 1.27
CA ASP B 55 -1.13 -4.42 1.11
C ASP B 55 -1.82 -5.41 0.20
N SER B 56 -1.09 -5.92 -0.79
CA SER B 56 -1.65 -6.88 -1.73
C SER B 56 -2.02 -8.19 -1.04
N GLU B 57 -1.11 -8.67 -0.19
CA GLU B 57 -1.29 -9.91 0.54
C GLU B 57 -2.49 -9.78 1.50
N ILE B 58 -2.60 -8.64 2.17
CA ILE B 58 -3.69 -8.33 3.10
C ILE B 58 -5.05 -8.34 2.39
N THR B 59 -5.09 -7.71 1.21
CA THR B 59 -6.32 -7.63 0.40
C THR B 59 -6.70 -9.02 -0.10
N ALA B 60 -5.74 -9.79 -0.61
CA ALA B 60 -6.01 -11.13 -1.09
C ALA B 60 -6.59 -12.01 0.03
N ALA B 61 -5.99 -11.98 1.21
CA ALA B 61 -6.50 -12.76 2.31
C ALA B 61 -7.88 -12.29 2.82
N ARG B 62 -8.12 -10.97 2.82
CA ARG B 62 -9.41 -10.41 3.26
C ARG B 62 -10.49 -10.86 2.26
N ASN B 63 -10.28 -10.58 0.99
CA ASN B 63 -11.20 -11.00 -0.06
C ASN B 63 -11.56 -12.47 0.10
N TYR B 64 -10.56 -13.30 0.31
CA TYR B 64 -10.81 -14.73 0.42
C TYR B 64 -11.53 -15.15 1.69
N ALA B 65 -10.97 -14.79 2.83
CA ALA B 65 -11.49 -15.21 4.10
C ALA B 65 -12.71 -14.47 4.61
N GLU B 66 -12.82 -13.20 4.28
CA GLU B 66 -13.93 -12.42 4.79
C GLU B 66 -14.75 -11.76 3.69
N GLY B 67 -14.39 -11.95 2.44
CA GLY B 67 -15.09 -11.29 1.37
C GLY B 67 -14.61 -9.85 1.20
N ALA B 68 -14.71 -9.33 -0.01
CA ALA B 68 -14.28 -7.99 -0.32
C ALA B 68 -14.73 -6.88 0.64
N GLY B 69 -15.99 -6.91 1.04
CA GLY B 69 -16.50 -5.89 1.94
C GLY B 69 -16.37 -6.28 3.37
N GLY B 70 -15.72 -7.40 3.63
CA GLY B 70 -15.51 -7.84 5.01
C GLY B 70 -14.33 -7.08 5.60
N PHE B 71 -13.85 -7.54 6.75
CA PHE B 71 -12.72 -6.90 7.40
C PHE B 71 -12.11 -7.76 8.50
N PHE B 72 -10.78 -7.73 8.60
CA PHE B 72 -10.06 -8.49 9.61
C PHE B 72 -10.23 -7.82 10.96
N LYS B 73 -10.78 -8.54 11.94
CA LYS B 73 -11.00 -8.01 13.29
C LYS B 73 -9.71 -7.59 14.00
N GLY B 74 -8.59 -8.20 13.60
CA GLY B 74 -7.30 -7.85 14.17
C GLY B 74 -6.58 -6.89 13.23
N ILE B 75 -6.04 -7.43 12.13
CA ILE B 75 -5.30 -6.67 11.16
C ILE B 75 -5.87 -5.32 10.74
N ASP B 76 -7.18 -5.26 10.42
CA ASP B 76 -7.80 -4.03 9.96
C ASP B 76 -8.34 -3.12 11.06
N ALA B 77 -8.26 -3.54 12.32
CA ALA B 77 -8.79 -2.75 13.43
C ALA B 77 -7.87 -1.71 14.05
N LEU B 78 -6.64 -1.61 13.58
CA LEU B 78 -5.70 -0.63 14.14
C LEU B 78 -6.04 0.72 13.51
N PRO B 79 -6.40 1.73 14.32
CA PRO B 79 -6.78 3.06 13.85
C PRO B 79 -5.79 4.00 13.14
N LEU B 80 -4.52 4.01 13.56
CA LEU B 80 -3.51 4.90 12.95
C LEU B 80 -2.71 4.14 11.91
N THR B 81 -2.70 4.65 10.68
CA THR B 81 -2.03 3.99 9.58
C THR B 81 -1.12 4.89 8.74
N GLY B 82 -0.15 4.26 8.06
CA GLY B 82 0.73 5.01 7.21
C GLY B 82 1.40 4.03 6.29
N GLN B 83 2.40 4.51 5.55
CA GLN B 83 3.17 3.68 4.65
C GLN B 83 4.66 3.90 4.97
N TYR B 84 5.44 2.82 4.96
CA TYR B 84 6.85 3.02 5.21
C TYR B 84 7.76 2.33 4.22
N THR B 85 8.96 2.90 4.04
CA THR B 85 9.98 2.38 3.12
C THR B 85 10.92 1.43 3.83
N HIS B 86 11.40 0.44 3.10
CA HIS B 86 12.26 -0.59 3.70
C HIS B 86 13.46 -0.98 2.82
N TYR B 87 13.92 -0.06 1.99
CA TYR B 87 15.06 -0.32 1.11
C TYR B 87 16.29 -0.65 1.94
N ALA B 88 17.16 -1.52 1.42
CA ALA B 88 18.37 -1.88 2.13
C ALA B 88 19.53 -1.06 1.53
N LEU B 89 20.76 -1.50 1.81
CA LEU B 89 21.96 -0.84 1.30
C LEU B 89 22.87 -1.83 0.61
N ASN B 90 23.59 -1.32 -0.38
CA ASN B 90 24.57 -2.14 -1.07
C ASN B 90 25.83 -2.10 -0.17
N LYS B 91 26.33 -3.26 0.21
CA LYS B 91 27.49 -3.35 1.08
C LYS B 91 28.74 -2.60 0.59
N LYS B 92 29.12 -2.80 -0.66
CA LYS B 92 30.30 -2.14 -1.22
C LYS B 92 30.16 -0.63 -1.39
N THR B 93 29.12 -0.20 -2.11
CA THR B 93 28.90 1.22 -2.40
C THR B 93 28.20 2.07 -1.37
N GLY B 94 27.45 1.44 -0.48
CA GLY B 94 26.70 2.22 0.49
C GLY B 94 25.51 2.89 -0.19
N LYS B 95 25.23 2.57 -1.45
CA LYS B 95 24.06 3.13 -2.17
C LYS B 95 22.81 2.29 -1.82
N PRO B 96 21.59 2.86 -1.98
CA PRO B 96 20.40 2.06 -1.64
C PRO B 96 20.24 0.81 -2.51
N ASP B 97 19.76 -0.25 -1.89
CA ASP B 97 19.46 -1.49 -2.61
C ASP B 97 17.94 -1.51 -2.45
N TYR B 98 17.23 -1.23 -3.54
CA TYR B 98 15.78 -1.09 -3.51
C TYR B 98 14.93 -2.24 -2.97
N VAL B 99 15.42 -3.48 -3.07
CA VAL B 99 14.68 -4.60 -2.56
C VAL B 99 15.43 -5.31 -1.44
N THR B 100 14.93 -5.15 -0.21
CA THR B 100 15.53 -5.75 0.97
C THR B 100 15.16 -7.22 1.17
N ASP B 101 15.86 -7.87 2.08
CA ASP B 101 15.55 -9.25 2.42
C ASP B 101 15.10 -9.18 3.89
N SER B 102 14.73 -10.28 4.50
CA SER B 102 14.24 -10.27 5.89
C SER B 102 15.29 -9.81 6.87
N ALA B 103 16.54 -10.19 6.61
CA ALA B 103 17.67 -9.84 7.48
C ALA B 103 17.95 -8.35 7.54
N ALA B 104 18.15 -7.72 6.40
CA ALA B 104 18.44 -6.29 6.38
C ALA B 104 17.29 -5.48 6.95
N SER B 105 16.05 -5.88 6.65
CA SER B 105 14.88 -5.14 7.16
C SER B 105 14.67 -5.28 8.66
N ALA B 106 14.79 -6.50 9.17
CA ALA B 106 14.62 -6.70 10.62
C ALA B 106 15.67 -5.93 11.42
N THR B 107 16.89 -5.84 10.87
CA THR B 107 17.99 -5.10 11.50
C THR B 107 17.61 -3.61 11.58
N ALA B 108 17.03 -3.10 10.48
CA ALA B 108 16.62 -1.69 10.46
C ALA B 108 15.63 -1.34 11.56
N TRP B 109 14.60 -2.15 11.79
CA TRP B 109 13.66 -1.79 12.86
C TRP B 109 14.17 -2.16 14.25
N SER B 110 15.06 -3.16 14.33
CA SER B 110 15.56 -3.54 15.64
C SER B 110 16.78 -2.76 16.15
N THR B 111 17.56 -2.16 15.24
CA THR B 111 18.75 -1.38 15.66
C THR B 111 18.70 0.11 15.26
N GLY B 112 17.91 0.44 14.24
CA GLY B 112 17.79 1.82 13.81
C GLY B 112 18.75 2.27 12.73
N VAL B 113 19.43 1.32 12.11
CA VAL B 113 20.38 1.63 11.06
C VAL B 113 20.17 0.70 9.86
N LYS B 114 20.27 1.25 8.64
CA LYS B 114 20.14 0.45 7.42
C LYS B 114 21.33 -0.47 7.29
N THR B 115 21.20 -1.53 6.52
CA THR B 115 22.32 -2.43 6.34
C THR B 115 22.16 -3.20 5.05
N TYR B 116 23.10 -4.09 4.77
CA TYR B 116 23.07 -4.86 3.52
C TYR B 116 22.28 -6.14 3.70
N ASN B 117 21.69 -6.60 2.61
CA ASN B 117 20.90 -7.82 2.64
C ASN B 117 21.67 -9.01 3.16
N GLY B 118 21.13 -9.67 4.18
CA GLY B 118 21.77 -10.86 4.72
C GLY B 118 22.48 -10.63 6.03
N ALA B 119 22.56 -9.37 6.44
CA ALA B 119 23.24 -9.00 7.67
C ALA B 119 22.28 -9.02 8.85
N LEU B 120 22.74 -9.48 10.01
CA LEU B 120 21.93 -9.49 11.22
C LEU B 120 22.63 -8.72 12.32
N GLY B 121 22.03 -7.61 12.72
CA GLY B 121 22.57 -6.80 13.79
C GLY B 121 23.87 -6.07 13.58
N VAL B 122 24.30 -5.92 12.32
CA VAL B 122 25.54 -5.22 12.01
C VAL B 122 25.28 -4.26 10.86
N ASP B 123 26.00 -3.13 10.81
CA ASP B 123 25.84 -2.15 9.72
C ASP B 123 26.68 -2.57 8.51
N ILE B 124 26.80 -1.72 7.48
CA ILE B 124 27.60 -2.13 6.30
C ILE B 124 29.10 -2.30 6.60
N HIS B 125 29.55 -1.70 7.70
CA HIS B 125 30.95 -1.80 8.12
C HIS B 125 31.14 -3.02 9.00
N GLU B 126 30.08 -3.78 9.19
CA GLU B 126 30.06 -4.98 10.02
C GLU B 126 30.18 -4.68 11.51
N LYS B 127 29.85 -3.46 11.90
CA LYS B 127 29.90 -3.09 13.30
C LYS B 127 28.54 -3.40 13.93
N ASP B 128 28.59 -4.05 15.10
CA ASP B 128 27.41 -4.41 15.87
C ASP B 128 26.72 -3.19 16.42
N HIS B 129 25.40 -3.26 16.51
CA HIS B 129 24.62 -2.18 17.10
C HIS B 129 23.59 -2.89 17.98
N PRO B 130 23.32 -2.35 19.16
CA PRO B 130 22.36 -2.94 20.11
C PRO B 130 20.91 -2.91 19.60
N THR B 131 20.19 -4.01 19.86
CA THR B 131 18.80 -4.15 19.41
C THR B 131 17.84 -3.63 20.44
N ILE B 132 16.61 -3.40 20.03
CA ILE B 132 15.56 -2.91 20.93
C ILE B 132 15.32 -3.92 22.08
N LEU B 133 15.50 -5.21 21.83
CA LEU B 133 15.29 -6.20 22.87
C LEU B 133 16.41 -6.10 23.91
N GLU B 134 17.65 -5.97 23.40
CA GLU B 134 18.83 -5.82 24.25
C GLU B 134 18.68 -4.59 25.13
N MET B 135 18.19 -3.49 24.58
CA MET B 135 17.99 -2.27 25.37
C MET B 135 16.83 -2.42 26.35
N ALA B 136 15.80 -3.17 25.97
CA ALA B 136 14.64 -3.40 26.83
C ALA B 136 15.10 -4.21 28.05
N LYS B 137 15.85 -5.27 27.79
CA LYS B 137 16.40 -6.15 28.81
C LYS B 137 17.29 -5.42 29.81
N ALA B 138 18.13 -4.51 29.30
CA ALA B 138 19.02 -3.75 30.17
C ALA B 138 18.23 -2.76 31.04
N ALA B 139 17.10 -2.27 30.54
CA ALA B 139 16.25 -1.33 31.26
C ALA B 139 15.33 -1.97 32.31
N GLY B 140 15.36 -3.30 32.40
CA GLY B 140 14.53 -3.99 33.39
C GLY B 140 13.22 -4.59 32.92
N LEU B 141 12.87 -4.35 31.66
CA LEU B 141 11.63 -4.87 31.06
C LEU B 141 11.76 -6.33 30.68
N ALA B 142 10.64 -7.04 30.67
CA ALA B 142 10.66 -8.44 30.25
C ALA B 142 10.71 -8.44 28.73
N THR B 143 11.21 -9.51 28.15
CA THR B 143 11.32 -9.57 26.72
C THR B 143 10.84 -10.89 26.14
N GLY B 144 10.17 -10.83 25.00
CA GLY B 144 9.67 -12.04 24.36
C GLY B 144 9.92 -11.98 22.87
N ASN B 145 10.17 -13.12 22.26
CA ASN B 145 10.49 -13.21 20.85
C ASN B 145 9.72 -14.42 20.34
N VAL B 146 8.70 -14.21 19.50
CA VAL B 146 7.96 -15.38 19.03
C VAL B 146 7.78 -15.38 17.51
N SER B 147 7.87 -16.56 16.92
CA SER B 147 7.76 -16.65 15.48
C SER B 147 7.35 -18.05 15.08
N THR B 148 6.74 -18.18 13.89
CA THR B 148 6.34 -19.49 13.38
C THR B 148 7.46 -20.11 12.53
N ALA B 149 8.55 -19.37 12.35
CA ALA B 149 9.68 -19.88 11.58
C ALA B 149 10.69 -20.48 12.54
N GLU B 150 11.77 -21.03 11.98
CA GLU B 150 12.87 -21.57 12.77
C GLU B 150 13.33 -20.37 13.58
N LEU B 151 13.74 -20.58 14.82
CA LEU B 151 14.21 -19.46 15.63
C LEU B 151 15.49 -18.81 15.08
N GLN B 152 16.18 -19.48 14.16
CA GLN B 152 17.40 -18.91 13.56
C GLN B 152 17.06 -18.03 12.36
N HIS B 153 15.78 -18.03 11.98
CA HIS B 153 15.33 -17.23 10.86
C HIS B 153 15.68 -15.79 11.11
N ALA B 154 15.97 -15.07 10.04
CA ALA B 154 16.36 -13.67 10.12
C ALA B 154 15.59 -12.76 11.05
N THR B 155 14.26 -12.82 11.01
CA THR B 155 13.43 -11.94 11.82
C THR B 155 13.60 -12.11 13.32
N PRO B 156 13.33 -13.30 13.88
CA PRO B 156 13.53 -13.42 15.34
C PRO B 156 15.01 -13.22 15.71
N ALA B 157 15.90 -13.78 14.88
CA ALA B 157 17.37 -13.70 15.08
C ALA B 157 17.90 -12.26 15.21
N ALA B 158 17.43 -11.35 14.36
CA ALA B 158 17.87 -9.95 14.40
C ALA B 158 17.75 -9.25 15.77
N LEU B 159 16.92 -9.78 16.66
CA LEU B 159 16.77 -9.15 17.95
C LEU B 159 17.81 -9.60 18.96
N VAL B 160 18.45 -10.73 18.71
CA VAL B 160 19.39 -11.26 19.66
C VAL B 160 20.77 -11.61 19.11
N ALA B 161 20.96 -11.49 17.80
CA ALA B 161 22.22 -11.86 17.23
C ALA B 161 22.80 -10.82 16.31
N HIS B 162 24.13 -10.79 16.28
CA HIS B 162 24.87 -9.86 15.45
C HIS B 162 25.83 -10.69 14.67
N VAL B 163 25.54 -10.87 13.40
CA VAL B 163 26.39 -11.70 12.55
C VAL B 163 26.43 -11.09 11.15
N THR B 164 27.49 -11.39 10.41
CA THR B 164 27.67 -10.82 9.08
C THR B 164 26.89 -11.54 7.98
N SER B 165 26.42 -12.75 8.26
CA SER B 165 25.64 -13.51 7.32
C SER B 165 24.52 -14.24 8.05
N ARG B 166 23.28 -14.05 7.58
CA ARG B 166 22.08 -14.71 8.16
C ARG B 166 22.18 -16.23 8.07
N LYS B 167 23.13 -16.73 7.28
CA LYS B 167 23.36 -18.17 7.11
C LYS B 167 24.05 -18.84 8.31
N CYS B 168 24.56 -18.02 9.22
CA CYS B 168 25.30 -18.54 10.35
C CYS B 168 24.46 -19.00 11.51
N TYR B 169 23.69 -20.05 11.22
CA TYR B 169 22.74 -20.68 12.13
C TYR B 169 23.32 -21.26 13.38
N GLY B 170 24.21 -22.23 13.18
CA GLY B 170 24.86 -22.90 14.29
C GLY B 170 26.36 -22.90 14.14
N PRO B 171 27.09 -23.61 15.03
CA PRO B 171 28.56 -23.68 15.00
C PRO B 171 29.18 -23.97 13.63
N SER B 172 28.79 -25.06 13.00
CA SER B 172 29.36 -25.43 11.72
C SER B 172 29.28 -24.38 10.64
N ALA B 173 28.08 -23.87 10.39
CA ALA B 173 27.91 -22.86 9.36
C ALA B 173 28.65 -21.60 9.71
N THR B 174 28.68 -21.25 10.99
CA THR B 174 29.37 -20.03 11.40
C THR B 174 30.88 -20.10 11.19
N SER B 175 31.45 -21.28 11.39
CA SER B 175 32.88 -21.51 11.20
C SER B 175 33.30 -21.15 9.79
N GLN B 176 32.54 -21.62 8.82
CA GLN B 176 32.87 -21.35 7.45
C GLN B 176 32.27 -20.12 6.76
N LYS B 177 31.24 -19.51 7.35
CA LYS B 177 30.64 -18.35 6.72
C LYS B 177 30.77 -17.07 7.52
N CYS B 178 30.92 -17.20 8.83
CA CYS B 178 31.08 -16.04 9.70
C CYS B 178 32.26 -16.41 10.62
N PRO B 179 33.48 -16.56 10.04
CA PRO B 179 34.70 -16.91 10.78
C PRO B 179 34.99 -15.89 11.89
N GLY B 180 34.78 -14.62 11.59
CA GLY B 180 34.98 -13.57 12.57
C GLY B 180 33.97 -13.56 13.72
N ASN B 181 32.90 -14.35 13.59
CA ASN B 181 31.86 -14.43 14.64
C ASN B 181 32.00 -15.77 15.35
N ALA B 182 32.63 -16.72 14.67
CA ALA B 182 32.80 -18.08 15.19
C ALA B 182 33.41 -18.07 16.58
N LEU B 183 32.82 -18.87 17.47
CA LEU B 183 33.24 -18.94 18.85
C LEU B 183 34.71 -19.33 18.95
N GLU B 184 35.13 -20.33 18.17
CA GLU B 184 36.55 -20.76 18.20
C GLU B 184 37.54 -19.69 17.79
N LYS B 185 37.08 -18.64 17.12
CA LYS B 185 37.97 -17.57 16.69
C LYS B 185 37.72 -16.26 17.43
N GLY B 186 37.27 -16.38 18.67
CA GLY B 186 37.04 -15.20 19.49
C GLY B 186 35.80 -14.37 19.24
N GLY B 187 34.88 -14.88 18.42
CA GLY B 187 33.65 -14.16 18.13
C GLY B 187 32.53 -14.49 19.11
N LYS B 188 31.41 -13.79 18.99
CA LYS B 188 30.24 -13.99 19.85
C LYS B 188 29.55 -15.35 19.64
N GLY B 189 29.76 -15.94 18.46
CA GLY B 189 29.17 -17.23 18.20
C GLY B 189 28.12 -17.19 17.14
N SER B 190 27.55 -18.36 16.86
CA SER B 190 26.49 -18.52 15.88
C SER B 190 25.22 -17.81 16.36
N ILE B 191 24.22 -17.77 15.50
CA ILE B 191 22.92 -17.16 15.85
C ILE B 191 22.31 -17.85 17.08
N THR B 192 22.24 -19.17 17.04
CA THR B 192 21.67 -19.96 18.14
C THR B 192 22.43 -19.72 19.45
N GLU B 193 23.76 -19.64 19.37
CA GLU B 193 24.60 -19.38 20.57
C GLU B 193 24.34 -17.98 21.10
N GLN B 194 24.26 -17.02 20.19
CA GLN B 194 23.98 -15.66 20.64
C GLN B 194 22.56 -15.56 21.21
N LEU B 195 21.64 -16.36 20.65
CA LEU B 195 20.26 -16.40 21.13
C LEU B 195 20.25 -16.91 22.57
N LEU B 196 20.96 -18.00 22.81
CA LEU B 196 21.05 -18.57 24.15
C LEU B 196 21.70 -17.57 25.09
N ASN B 197 22.65 -16.78 24.59
CA ASN B 197 23.33 -15.80 25.41
C ASN B 197 22.44 -14.62 25.72
N ALA B 198 21.62 -14.24 24.74
CA ALA B 198 20.69 -13.11 24.90
C ALA B 198 19.71 -13.31 26.06
N ARG B 199 19.24 -14.54 26.23
CA ARG B 199 18.33 -14.87 27.33
C ARG B 199 17.12 -13.96 27.47
N ALA B 200 16.30 -13.90 26.42
CA ALA B 200 15.06 -13.13 26.50
C ALA B 200 14.17 -13.99 27.44
N ASP B 201 13.22 -13.41 28.15
CA ASP B 201 12.35 -14.19 29.05
C ASP B 201 11.53 -15.26 28.39
N VAL B 202 11.04 -14.96 27.19
CA VAL B 202 10.22 -15.88 26.40
C VAL B 202 10.66 -15.96 24.95
N THR B 203 10.99 -17.16 24.50
CA THR B 203 11.40 -17.36 23.12
C THR B 203 10.65 -18.58 22.64
N LEU B 204 9.80 -18.39 21.62
CA LEU B 204 8.98 -19.50 21.10
C LEU B 204 9.03 -19.57 19.59
N GLY B 205 9.24 -20.78 19.06
CA GLY B 205 9.29 -20.93 17.62
C GLY B 205 9.69 -22.32 17.23
N GLY B 206 10.17 -22.46 16.00
CA GLY B 206 10.66 -23.74 15.51
C GLY B 206 12.18 -23.72 15.47
N GLY B 207 12.79 -24.59 14.66
CA GLY B 207 14.25 -24.59 14.55
C GLY B 207 15.02 -25.44 15.56
N ALA B 208 14.44 -26.54 15.97
CA ALA B 208 15.07 -27.43 16.92
C ALA B 208 16.27 -28.17 16.35
N LYS B 209 16.33 -28.33 15.03
CA LYS B 209 17.43 -29.07 14.45
C LYS B 209 18.79 -28.45 14.68
N THR B 210 18.90 -27.13 14.67
CA THR B 210 20.19 -26.52 14.90
C THR B 210 20.65 -26.71 16.35
N PHE B 211 19.70 -26.92 17.27
CA PHE B 211 20.03 -27.09 18.69
C PHE B 211 20.67 -28.44 18.97
N ALA B 212 20.66 -29.28 17.95
CA ALA B 212 21.24 -30.60 18.04
C ALA B 212 22.71 -30.52 17.72
N GLU B 213 23.18 -29.34 17.33
CA GLU B 213 24.59 -29.16 17.06
C GLU B 213 25.31 -28.98 18.37
N THR B 214 26.56 -29.42 18.40
CA THR B 214 27.37 -29.31 19.61
C THR B 214 28.31 -28.11 19.50
N ALA B 215 28.54 -27.42 20.61
CA ALA B 215 29.43 -26.27 20.56
C ALA B 215 30.87 -26.74 20.26
N THR B 216 31.64 -25.89 19.60
CA THR B 216 33.00 -26.22 19.22
C THR B 216 34.01 -25.75 20.26
N ALA B 217 33.68 -24.67 20.96
CA ALA B 217 34.55 -24.10 21.97
C ALA B 217 33.70 -23.60 23.12
N GLY B 218 34.29 -22.79 23.99
CA GLY B 218 33.56 -22.24 25.11
C GLY B 218 33.26 -23.14 26.30
N GLU B 219 32.57 -22.53 27.26
CA GLU B 219 32.22 -23.21 28.48
C GLU B 219 31.41 -24.48 28.31
N TRP B 220 30.67 -24.60 27.21
CA TRP B 220 29.84 -25.80 26.95
C TRP B 220 30.25 -26.60 25.74
N GLN B 221 31.51 -26.47 25.34
CA GLN B 221 31.99 -27.23 24.19
C GLN B 221 31.72 -28.71 24.37
N GLY B 222 31.35 -29.39 23.30
CA GLY B 222 31.06 -30.80 23.41
C GLY B 222 29.60 -31.14 23.64
N LYS B 223 28.82 -30.20 24.20
CA LYS B 223 27.40 -30.41 24.44
C LYS B 223 26.54 -29.77 23.33
N THR B 224 25.43 -30.43 22.99
CA THR B 224 24.50 -29.92 21.97
C THR B 224 24.01 -28.61 22.54
N LEU B 225 23.57 -27.70 21.69
CA LEU B 225 23.07 -26.41 22.14
C LEU B 225 21.79 -26.59 22.97
N ARG B 226 21.11 -27.72 22.77
CA ARG B 226 19.89 -28.03 23.51
C ARG B 226 20.27 -28.31 24.98
N GLU B 227 21.34 -29.10 25.16
CA GLU B 227 21.85 -29.42 26.51
C GLU B 227 22.37 -28.17 27.15
N GLU B 228 23.02 -27.32 26.36
CA GLU B 228 23.53 -26.08 26.90
C GLU B 228 22.34 -25.28 27.45
N ALA B 229 21.26 -25.21 26.67
CA ALA B 229 20.05 -24.51 27.07
C ALA B 229 19.63 -25.01 28.47
N GLU B 230 19.50 -26.33 28.60
CA GLU B 230 19.17 -26.92 29.89
C GLU B 230 20.19 -26.48 30.97
N ALA B 231 21.47 -26.69 30.69
CA ALA B 231 22.55 -26.33 31.64
C ALA B 231 22.48 -24.90 32.17
N ARG B 232 21.95 -23.98 31.36
CA ARG B 232 21.84 -22.57 31.76
C ARG B 232 20.51 -22.15 32.38
N GLY B 233 19.67 -23.11 32.73
CA GLY B 233 18.39 -22.79 33.35
C GLY B 233 17.19 -22.46 32.47
N TYR B 234 17.19 -22.83 31.20
CA TYR B 234 16.05 -22.56 30.32
C TYR B 234 15.02 -23.67 30.50
N GLN B 235 13.74 -23.30 30.63
CA GLN B 235 12.65 -24.30 30.72
C GLN B 235 12.41 -24.58 29.25
N LEU B 236 12.41 -25.84 28.87
CA LEU B 236 12.22 -26.25 27.49
C LEU B 236 10.86 -26.94 27.27
N VAL B 237 10.07 -26.41 26.32
CA VAL B 237 8.77 -27.00 25.98
C VAL B 237 8.75 -27.30 24.49
N SER B 238 8.12 -28.41 24.11
CA SER B 238 8.04 -28.86 22.73
C SER B 238 6.65 -28.88 22.12
N ASP B 239 5.60 -28.77 22.95
CA ASP B 239 4.23 -28.78 22.44
C ASP B 239 3.30 -27.85 23.18
N ALA B 240 2.05 -27.82 22.74
CA ALA B 240 1.03 -26.97 23.33
C ALA B 240 0.73 -27.30 24.78
N ALA B 241 0.61 -28.57 25.11
CA ALA B 241 0.32 -29.01 26.47
C ALA B 241 1.39 -28.55 27.44
N SER B 242 2.66 -28.75 27.06
CA SER B 242 3.76 -28.36 27.92
C SER B 242 3.92 -26.84 27.98
N LEU B 243 3.67 -26.14 26.87
CA LEU B 243 3.76 -24.71 26.88
C LEU B 243 2.75 -24.16 27.89
N ASN B 244 1.53 -24.68 27.79
CA ASN B 244 0.46 -24.24 28.65
C ASN B 244 0.67 -24.38 30.15
N SER B 245 1.42 -25.40 30.56
CA SER B 245 1.63 -25.57 31.99
C SER B 245 2.71 -24.66 32.57
N VAL B 246 3.37 -23.87 31.74
CA VAL B 246 4.40 -22.99 32.26
C VAL B 246 3.77 -21.89 33.11
N THR B 247 4.23 -21.77 34.36
CA THR B 247 3.74 -20.79 35.33
C THR B 247 4.35 -19.40 35.23
N GLU B 248 5.65 -19.34 35.05
CA GLU B 248 6.31 -18.07 34.91
C GLU B 248 7.54 -18.26 34.09
N ALA B 249 8.01 -17.15 33.55
CA ALA B 249 9.18 -17.13 32.72
C ALA B 249 9.88 -15.83 33.05
N ASN B 250 11.10 -15.95 33.53
CA ASN B 250 11.90 -14.79 33.91
C ASN B 250 13.37 -15.09 33.66
N GLN B 251 14.23 -14.22 34.16
CA GLN B 251 15.66 -14.38 33.96
C GLN B 251 16.26 -15.62 34.63
N GLN B 252 15.64 -16.12 35.69
CA GLN B 252 16.16 -17.33 36.36
C GLN B 252 15.59 -18.63 35.79
N LYS B 253 14.44 -18.51 35.12
CA LYS B 253 13.75 -19.63 34.49
C LYS B 253 13.24 -19.11 33.15
N PRO B 254 14.13 -18.85 32.19
CA PRO B 254 13.73 -18.35 30.88
C PRO B 254 12.98 -19.45 30.16
N LEU B 255 12.07 -19.09 29.27
CA LEU B 255 11.31 -20.09 28.53
C LEU B 255 11.80 -20.21 27.11
N LEU B 256 12.06 -21.43 26.69
CA LEU B 256 12.49 -21.70 25.34
C LEU B 256 11.56 -22.76 24.73
N GLY B 257 10.72 -22.36 23.77
CA GLY B 257 9.82 -23.31 23.15
C GLY B 257 10.28 -23.66 21.75
N LEU B 258 10.46 -24.94 21.50
CA LEU B 258 10.92 -25.41 20.19
C LEU B 258 9.86 -26.36 19.69
N PHE B 259 8.97 -25.85 18.84
CA PHE B 259 7.84 -26.62 18.34
C PHE B 259 7.97 -27.44 17.05
N ALA B 260 9.11 -27.36 16.39
CA ALA B 260 9.32 -28.10 15.14
C ALA B 260 10.82 -28.11 14.83
N ASP B 261 11.26 -29.01 13.95
CA ASP B 261 12.67 -29.07 13.59
C ASP B 261 13.09 -27.85 12.79
N GLY B 262 12.27 -27.51 11.79
CA GLY B 262 12.51 -26.34 10.97
C GLY B 262 11.41 -25.34 11.28
N ASN B 263 10.69 -24.93 10.23
CA ASN B 263 9.60 -23.97 10.38
C ASN B 263 8.38 -24.71 10.87
N MET B 264 7.49 -24.02 11.58
CA MET B 264 6.24 -24.65 12.04
C MET B 264 5.31 -24.89 10.81
N PRO B 265 4.53 -25.97 10.82
CA PRO B 265 3.63 -26.27 9.69
C PRO B 265 2.56 -25.23 9.40
N VAL B 266 2.28 -25.03 8.12
CA VAL B 266 1.28 -24.05 7.75
C VAL B 266 -0.13 -24.60 8.00
N ARG B 267 -1.06 -23.69 8.26
CA ARG B 267 -2.46 -23.99 8.55
C ARG B 267 -3.30 -24.61 7.42
N TRP B 268 -3.26 -23.99 6.25
CA TRP B 268 -4.06 -24.45 5.12
C TRP B 268 -3.26 -25.11 4.06
N LEU B 269 -3.93 -25.95 3.33
CA LEU B 269 -3.32 -26.67 2.25
C LEU B 269 -4.04 -26.24 0.98
N GLY B 270 -3.33 -26.28 -0.15
CA GLY B 270 -3.89 -25.91 -1.43
C GLY B 270 -2.81 -26.22 -2.43
N PRO B 271 -3.11 -26.38 -3.72
CA PRO B 271 -2.07 -26.68 -4.72
C PRO B 271 -1.25 -25.41 -5.03
N LYS B 272 -0.10 -25.59 -5.67
CA LYS B 272 0.76 -24.48 -6.04
C LYS B 272 0.17 -23.83 -7.28
N ALA B 273 0.32 -22.53 -7.42
CA ALA B 273 -0.17 -21.84 -8.60
C ALA B 273 0.60 -22.42 -9.79
N THR B 274 0.02 -22.37 -11.00
CA THR B 274 0.66 -22.92 -12.18
C THR B 274 0.51 -22.02 -13.38
N TYR B 275 1.22 -22.33 -14.45
CA TYR B 275 1.16 -21.54 -15.68
C TYR B 275 -0.24 -21.68 -16.29
N HIS B 276 -0.96 -20.56 -16.46
CA HIS B 276 -2.34 -20.56 -16.99
C HIS B 276 -3.28 -21.35 -16.09
N GLY B 277 -2.99 -21.35 -14.80
CA GLY B 277 -3.79 -22.07 -13.83
C GLY B 277 -5.22 -21.58 -13.65
N ASN B 278 -5.47 -20.30 -13.85
CA ASN B 278 -6.80 -19.74 -13.70
C ASN B 278 -7.65 -20.09 -14.92
N ILE B 279 -6.99 -20.55 -15.96
CA ILE B 279 -7.63 -20.91 -17.22
C ILE B 279 -7.82 -22.43 -17.39
N ASP B 280 -6.75 -23.19 -17.18
CA ASP B 280 -6.80 -24.64 -17.36
C ASP B 280 -7.33 -25.45 -16.16
N LYS B 281 -7.24 -24.87 -14.97
CA LYS B 281 -7.68 -25.56 -13.77
C LYS B 281 -8.87 -24.86 -13.12
N PRO B 282 -9.76 -25.65 -12.50
CA PRO B 282 -10.94 -25.06 -11.83
C PRO B 282 -10.49 -24.25 -10.60
N ALA B 283 -11.42 -23.48 -10.02
CA ALA B 283 -11.15 -22.65 -8.84
C ALA B 283 -10.87 -23.56 -7.67
N VAL B 284 -10.04 -23.11 -6.74
CA VAL B 284 -9.76 -23.96 -5.61
C VAL B 284 -10.35 -23.38 -4.35
N THR B 285 -10.55 -24.26 -3.38
CA THR B 285 -11.06 -23.88 -2.07
C THR B 285 -10.04 -24.46 -1.11
N CYS B 286 -9.50 -23.63 -0.23
CA CYS B 286 -8.49 -24.09 0.71
C CYS B 286 -9.11 -24.98 1.77
N THR B 287 -8.30 -25.88 2.30
CA THR B 287 -8.76 -26.77 3.33
C THR B 287 -7.71 -26.77 4.42
N PRO B 288 -8.06 -27.23 5.61
CA PRO B 288 -7.10 -27.26 6.70
C PRO B 288 -6.01 -28.30 6.37
N ASN B 289 -4.78 -28.03 6.82
CA ASN B 289 -3.62 -28.91 6.61
C ASN B 289 -3.72 -30.15 7.49
N PRO B 290 -3.90 -31.31 6.88
CA PRO B 290 -4.03 -32.62 7.55
C PRO B 290 -2.75 -33.10 8.21
N GLN B 291 -1.61 -32.57 7.78
CA GLN B 291 -0.32 -32.94 8.34
C GLN B 291 -0.02 -32.20 9.62
N ARG B 292 -0.73 -31.10 9.88
CA ARG B 292 -0.48 -30.35 11.10
C ARG B 292 -1.04 -31.05 12.34
N ASN B 293 -0.14 -31.35 13.26
CA ASN B 293 -0.44 -32.02 14.53
C ASN B 293 -1.19 -31.06 15.40
N ASP B 294 -2.19 -31.55 16.12
CA ASP B 294 -2.95 -30.64 16.97
C ASP B 294 -2.18 -30.24 18.21
N SER B 295 -1.08 -30.93 18.46
CA SER B 295 -0.23 -30.62 19.61
C SER B 295 0.69 -29.42 19.36
N VAL B 296 0.82 -28.99 18.10
CA VAL B 296 1.63 -27.83 17.74
C VAL B 296 0.82 -26.56 17.95
N PRO B 297 1.27 -25.65 18.83
CA PRO B 297 0.51 -24.42 19.07
C PRO B 297 0.37 -23.48 17.85
N THR B 298 -0.65 -22.65 17.84
CA THR B 298 -0.86 -21.71 16.75
C THR B 298 -0.15 -20.42 17.22
N LEU B 299 0.00 -19.46 16.33
CA LEU B 299 0.66 -18.21 16.67
C LEU B 299 -0.09 -17.43 17.75
N ALA B 300 -1.41 -17.51 17.72
CA ALA B 300 -2.23 -16.79 18.70
C ALA B 300 -2.10 -17.43 20.08
N GLN B 301 -1.99 -18.76 20.13
CA GLN B 301 -1.81 -19.44 21.41
C GLN B 301 -0.42 -19.07 22.00
N MET B 302 0.59 -18.98 21.15
CA MET B 302 1.94 -18.62 21.60
C MET B 302 1.91 -17.17 22.00
N THR B 303 1.30 -16.32 21.17
CA THR B 303 1.21 -14.91 21.47
C THR B 303 0.53 -14.68 22.82
N ASP B 304 -0.57 -15.39 23.01
CA ASP B 304 -1.34 -15.24 24.24
C ASP B 304 -0.59 -15.65 25.51
N LYS B 305 0.09 -16.80 25.45
CA LYS B 305 0.85 -17.29 26.59
C LYS B 305 2.02 -16.33 26.91
N ALA B 306 2.68 -15.85 25.87
CA ALA B 306 3.79 -14.92 26.02
C ALA B 306 3.27 -13.69 26.75
N ILE B 307 2.16 -13.13 26.28
CA ILE B 307 1.61 -11.94 26.90
C ILE B 307 1.30 -12.21 28.37
N GLU B 308 0.83 -13.42 28.66
CA GLU B 308 0.52 -13.83 30.04
C GLU B 308 1.77 -13.90 30.93
N LEU B 309 2.83 -14.54 30.47
CA LEU B 309 4.06 -14.65 31.26
C LEU B 309 4.76 -13.30 31.41
N LEU B 310 4.90 -12.58 30.30
CA LEU B 310 5.55 -11.27 30.27
C LEU B 310 4.89 -10.17 31.09
N SER B 311 3.57 -10.04 31.02
CA SER B 311 2.86 -8.99 31.74
C SER B 311 3.00 -9.10 33.26
N LYS B 312 3.64 -10.16 33.74
CA LYS B 312 3.87 -10.31 35.16
C LYS B 312 4.98 -9.36 35.61
N ASN B 313 5.75 -8.84 34.65
CA ASN B 313 6.84 -7.90 34.95
C ASN B 313 6.26 -6.51 35.15
N GLU B 314 6.52 -5.97 36.35
CA GLU B 314 6.08 -4.65 36.81
C GLU B 314 6.45 -3.48 35.92
N LYS B 315 7.70 -3.45 35.45
CA LYS B 315 8.17 -2.36 34.62
C LYS B 315 7.58 -2.32 33.21
N GLY B 316 7.34 -3.48 32.62
CA GLY B 316 6.78 -3.53 31.29
C GLY B 316 7.42 -4.62 30.49
N PHE B 317 7.08 -4.72 29.22
CA PHE B 317 7.64 -5.75 28.38
C PHE B 317 7.66 -5.35 26.92
N PHE B 318 8.54 -6.00 26.17
CA PHE B 318 8.64 -5.77 24.75
C PHE B 318 8.47 -7.16 24.17
N LEU B 319 7.60 -7.27 23.19
CA LEU B 319 7.34 -8.56 22.56
C LEU B 319 7.23 -8.42 21.06
N GLN B 320 7.96 -9.26 20.36
CA GLN B 320 7.86 -9.25 18.92
C GLN B 320 7.25 -10.57 18.54
N VAL B 321 6.28 -10.51 17.63
CA VAL B 321 5.58 -11.68 17.14
C VAL B 321 5.65 -11.72 15.62
N GLU B 322 6.00 -12.87 15.08
CA GLU B 322 6.10 -12.98 13.63
C GLU B 322 5.34 -14.14 12.99
N GLY B 323 4.62 -13.82 11.92
CA GLY B 323 3.91 -14.81 11.13
C GLY B 323 4.83 -14.93 9.92
N ALA B 324 5.80 -15.84 10.00
CA ALA B 324 6.80 -16.03 8.97
C ALA B 324 6.41 -16.60 7.63
N SER B 325 5.48 -17.57 7.63
CA SER B 325 5.12 -18.23 6.42
C SER B 325 4.25 -17.55 5.39
N ILE B 326 3.81 -16.34 5.69
CA ILE B 326 3.07 -15.60 4.69
C ILE B 326 4.12 -15.46 3.59
N ASP B 327 5.35 -15.14 4.00
CA ASP B 327 6.46 -14.96 3.07
C ASP B 327 6.86 -16.24 2.35
N LYS B 328 7.10 -17.28 3.11
CA LYS B 328 7.52 -18.56 2.54
C LYS B 328 6.55 -19.10 1.49
N GLN B 329 5.26 -18.99 1.77
CA GLN B 329 4.20 -19.50 0.87
C GLN B 329 4.08 -18.60 -0.35
N ASN B 330 4.42 -17.33 -0.17
CA ASN B 330 4.43 -16.37 -1.28
C ASN B 330 5.59 -16.78 -2.22
N HIS B 331 6.77 -17.05 -1.65
CA HIS B 331 7.91 -17.52 -2.44
C HIS B 331 7.47 -18.78 -3.21
N ALA B 332 6.78 -19.66 -2.50
CA ALA B 332 6.32 -20.93 -3.07
C ALA B 332 5.12 -20.86 -4.02
N ALA B 333 4.55 -19.65 -4.19
CA ALA B 333 3.41 -19.44 -5.07
C ALA B 333 2.25 -20.34 -4.66
N ASN B 334 1.98 -20.37 -3.37
CA ASN B 334 0.90 -21.19 -2.85
C ASN B 334 -0.08 -20.27 -2.14
N PRO B 335 -1.13 -19.83 -2.87
CA PRO B 335 -2.20 -18.94 -2.38
C PRO B 335 -2.81 -19.41 -1.08
N CYS B 336 -3.24 -20.67 -1.03
CA CYS B 336 -3.86 -21.17 0.20
C CYS B 336 -2.91 -21.17 1.41
N GLY B 337 -1.63 -21.45 1.20
CA GLY B 337 -0.68 -21.45 2.32
C GLY B 337 -0.49 -20.01 2.78
N GLN B 338 -0.30 -19.12 1.82
CA GLN B 338 -0.11 -17.73 2.10
C GLN B 338 -1.28 -17.08 2.83
N ILE B 339 -2.49 -17.28 2.30
CA ILE B 339 -3.69 -16.71 2.93
C ILE B 339 -3.94 -17.29 4.33
N GLY B 340 -3.78 -18.61 4.49
CA GLY B 340 -3.97 -19.21 5.81
C GLY B 340 -3.02 -18.65 6.86
N GLU B 341 -1.79 -18.30 6.45
CA GLU B 341 -0.81 -17.74 7.39
C GLU B 341 -1.13 -16.31 7.73
N THR B 342 -1.83 -15.64 6.81
CA THR B 342 -2.25 -14.26 7.06
C THR B 342 -3.42 -14.29 8.06
N VAL B 343 -4.31 -15.28 7.91
CA VAL B 343 -5.48 -15.49 8.81
C VAL B 343 -4.93 -15.85 10.21
N ASP B 344 -3.87 -16.66 10.21
CA ASP B 344 -3.22 -17.06 11.45
C ASP B 344 -2.69 -15.83 12.19
N LEU B 345 -2.01 -14.94 11.46
CA LEU B 345 -1.49 -13.72 12.05
C LEU B 345 -2.63 -12.84 12.59
N ASP B 346 -3.72 -12.72 11.84
CA ASP B 346 -4.85 -11.89 12.29
C ASP B 346 -5.36 -12.31 13.66
N GLU B 347 -5.40 -13.61 13.92
CA GLU B 347 -5.84 -14.10 15.23
C GLU B 347 -4.88 -13.62 16.33
N ALA B 348 -3.56 -13.65 16.03
CA ALA B 348 -2.56 -13.21 17.00
C ALA B 348 -2.74 -11.72 17.25
N VAL B 349 -2.98 -10.96 16.19
CA VAL B 349 -3.19 -9.52 16.32
C VAL B 349 -4.40 -9.26 17.21
N GLN B 350 -5.44 -10.08 17.10
CA GLN B 350 -6.63 -9.93 17.93
C GLN B 350 -6.29 -10.12 19.39
N ARG B 351 -5.51 -11.15 19.71
CA ARG B 351 -5.12 -11.40 21.10
C ARG B 351 -4.34 -10.24 21.69
N ALA B 352 -3.55 -9.58 20.84
CA ALA B 352 -2.70 -8.46 21.25
C ALA B 352 -3.50 -7.23 21.51
N LEU B 353 -4.42 -6.95 20.60
CA LEU B 353 -5.29 -5.79 20.69
C LEU B 353 -6.27 -5.93 21.87
N GLU B 354 -6.69 -7.17 22.16
CA GLU B 354 -7.61 -7.42 23.27
C GLU B 354 -6.92 -7.07 24.57
N PHE B 355 -5.67 -7.50 24.68
CA PHE B 355 -4.87 -7.18 25.84
C PHE B 355 -4.66 -5.66 25.93
N ALA B 356 -4.25 -5.05 24.82
CA ALA B 356 -3.95 -3.62 24.77
C ALA B 356 -5.09 -2.72 25.19
N LYS B 357 -6.29 -3.04 24.72
CA LYS B 357 -7.46 -2.23 25.03
C LYS B 357 -7.80 -2.29 26.50
N LYS B 358 -7.60 -3.47 27.09
CA LYS B 358 -7.87 -3.67 28.50
C LYS B 358 -6.78 -2.98 29.34
N GLU B 359 -5.50 -3.26 29.04
CA GLU B 359 -4.34 -2.71 29.75
C GLU B 359 -4.23 -1.20 29.65
N GLY B 360 -4.39 -0.67 28.44
CA GLY B 360 -4.36 0.78 28.27
C GLY B 360 -3.07 1.56 28.10
N ASN B 361 -1.93 0.89 28.24
CA ASN B 361 -0.63 1.55 28.09
C ASN B 361 0.23 0.73 27.17
N THR B 362 -0.40 0.06 26.22
CA THR B 362 0.31 -0.80 25.32
C THR B 362 0.25 -0.30 23.91
N LEU B 363 1.39 -0.26 23.26
CA LEU B 363 1.47 0.18 21.89
C LEU B 363 1.53 -1.10 21.07
N VAL B 364 0.58 -1.27 20.14
CA VAL B 364 0.55 -2.44 19.27
C VAL B 364 0.83 -1.95 17.87
N ILE B 365 1.75 -2.62 17.18
CA ILE B 365 2.13 -2.23 15.83
C ILE B 365 2.07 -3.45 14.93
N VAL B 366 1.44 -3.31 13.77
CA VAL B 366 1.35 -4.42 12.84
C VAL B 366 1.86 -3.95 11.48
N THR B 367 2.80 -4.68 10.91
CA THR B 367 3.37 -4.33 9.63
C THR B 367 4.14 -5.48 9.04
N ALA B 368 4.86 -5.23 7.96
CA ALA B 368 5.65 -6.26 7.29
C ALA B 368 7.08 -5.76 7.12
N ASP B 369 7.98 -6.68 6.83
CA ASP B 369 9.37 -6.32 6.61
C ASP B 369 9.60 -5.80 5.19
N HIS B 370 8.80 -6.28 4.24
CA HIS B 370 8.91 -5.86 2.85
C HIS B 370 7.69 -6.40 2.09
N ALA B 371 7.56 -5.99 0.84
CA ALA B 371 6.49 -6.42 -0.03
C ALA B 371 6.86 -7.74 -0.69
N HIS B 372 5.93 -8.29 -1.47
CA HIS B 372 6.18 -9.57 -2.10
C HIS B 372 5.63 -9.68 -3.52
N ALA B 373 5.57 -10.91 -4.02
CA ALA B 373 5.16 -11.16 -5.39
C ALA B 373 3.66 -11.14 -5.79
N SER B 374 2.83 -11.77 -4.96
CA SER B 374 1.41 -11.95 -5.25
C SER B 374 0.57 -10.73 -5.64
N GLN B 375 -0.14 -10.88 -6.76
CA GLN B 375 -1.03 -9.85 -7.26
C GLN B 375 -2.44 -10.46 -7.46
N ILE B 376 -3.46 -9.65 -7.23
CA ILE B 376 -4.84 -10.04 -7.45
C ILE B 376 -5.14 -9.54 -8.86
N VAL B 377 -5.46 -10.44 -9.79
CA VAL B 377 -5.78 -10.09 -11.17
C VAL B 377 -7.18 -10.57 -11.58
N ALA B 378 -7.66 -10.06 -12.72
CA ALA B 378 -8.97 -10.42 -13.26
C ALA B 378 -9.03 -11.89 -13.56
N PRO B 379 -10.22 -12.50 -13.41
CA PRO B 379 -10.46 -13.93 -13.65
C PRO B 379 -10.00 -14.47 -15.01
N ASP B 380 -10.07 -13.63 -16.03
CA ASP B 380 -9.71 -14.02 -17.39
C ASP B 380 -8.28 -13.73 -17.82
N THR B 381 -7.48 -13.20 -16.90
CA THR B 381 -6.08 -12.87 -17.20
C THR B 381 -5.24 -14.03 -17.75
N LYS B 382 -4.55 -13.78 -18.85
CA LYS B 382 -3.65 -14.74 -19.45
C LYS B 382 -2.26 -14.20 -19.07
N ALA B 383 -1.72 -14.67 -17.95
CA ALA B 383 -0.41 -14.24 -17.40
C ALA B 383 0.78 -15.12 -17.78
N PRO B 384 2.01 -14.53 -17.78
CA PRO B 384 3.17 -15.35 -18.14
C PRO B 384 3.73 -16.17 -16.99
N GLY B 385 3.29 -15.87 -15.78
CA GLY B 385 3.78 -16.57 -14.61
C GLY B 385 2.87 -17.65 -14.07
N LEU B 386 2.78 -17.72 -12.76
CA LEU B 386 1.96 -18.72 -12.11
C LEU B 386 0.69 -18.11 -11.58
N THR B 387 -0.45 -18.69 -11.97
CA THR B 387 -1.76 -18.20 -11.53
C THR B 387 -2.60 -19.31 -10.93
N GLN B 388 -3.65 -18.90 -10.23
CA GLN B 388 -4.60 -19.83 -9.60
C GLN B 388 -5.92 -19.10 -9.28
N ALA B 389 -7.06 -19.74 -9.51
CA ALA B 389 -8.37 -19.15 -9.19
C ALA B 389 -8.83 -19.75 -7.88
N LEU B 390 -9.41 -18.92 -7.05
CA LEU B 390 -9.87 -19.36 -5.75
C LEU B 390 -11.32 -18.94 -5.57
N ASN B 391 -12.05 -19.75 -4.82
CA ASN B 391 -13.46 -19.53 -4.48
C ASN B 391 -13.48 -18.79 -3.19
N THR B 392 -13.90 -17.53 -3.21
CA THR B 392 -13.88 -16.75 -1.99
C THR B 392 -15.13 -16.90 -1.13
N LYS B 393 -15.12 -16.23 0.02
CA LYS B 393 -16.27 -16.21 0.93
C LYS B 393 -17.49 -15.52 0.26
N ASP B 394 -17.27 -14.72 -0.77
CA ASP B 394 -18.36 -14.04 -1.50
C ASP B 394 -18.95 -15.00 -2.55
N GLY B 395 -18.39 -16.19 -2.68
CA GLY B 395 -18.90 -17.08 -3.69
C GLY B 395 -18.51 -16.57 -5.06
N ALA B 396 -17.49 -15.72 -5.11
CA ALA B 396 -16.99 -15.19 -6.38
C ALA B 396 -15.55 -15.72 -6.54
N VAL B 397 -15.05 -15.74 -7.77
CA VAL B 397 -13.70 -16.21 -8.05
C VAL B 397 -12.69 -15.06 -7.99
N MET B 398 -11.55 -15.31 -7.34
CA MET B 398 -10.47 -14.31 -7.27
C MET B 398 -9.25 -14.99 -7.87
N VAL B 399 -8.52 -14.31 -8.75
CA VAL B 399 -7.31 -14.89 -9.34
C VAL B 399 -6.07 -14.22 -8.75
N MET B 400 -5.09 -15.03 -8.40
CA MET B 400 -3.83 -14.53 -7.87
C MET B 400 -2.71 -14.86 -8.83
N SER B 401 -1.80 -13.91 -9.02
CA SER B 401 -0.68 -14.08 -9.95
C SER B 401 0.67 -13.91 -9.27
N TYR B 402 1.64 -14.71 -9.67
CA TYR B 402 3.01 -14.65 -9.15
C TYR B 402 3.80 -14.48 -10.45
N GLY B 403 4.15 -13.24 -10.82
CA GLY B 403 4.83 -13.08 -12.08
C GLY B 403 6.17 -12.39 -12.14
N ASN B 404 6.98 -12.49 -11.08
CA ASN B 404 8.27 -11.81 -11.06
C ASN B 404 9.49 -12.74 -11.05
N SER B 405 9.26 -14.04 -11.10
CA SER B 405 10.40 -14.96 -11.14
C SER B 405 10.22 -16.22 -11.94
N GLU B 406 11.22 -16.50 -12.77
CA GLU B 406 11.23 -17.71 -13.55
C GLU B 406 11.96 -18.79 -12.75
N GLU B 407 12.41 -18.50 -11.54
CA GLU B 407 13.11 -19.50 -10.73
C GLU B 407 12.03 -20.25 -9.94
N ASP B 408 12.45 -21.10 -9.00
CA ASP B 408 11.50 -21.87 -8.20
C ASP B 408 10.99 -21.12 -6.98
N SER B 409 11.37 -19.85 -6.89
CA SER B 409 10.99 -19.01 -5.77
C SER B 409 10.61 -17.63 -6.28
N GLN B 410 9.43 -17.17 -5.91
CA GLN B 410 8.96 -15.86 -6.31
C GLN B 410 9.71 -14.86 -5.45
N GLU B 411 9.88 -13.65 -5.97
CA GLU B 411 10.66 -12.64 -5.27
C GLU B 411 9.97 -11.52 -4.55
N HIS B 412 10.73 -10.91 -3.64
CA HIS B 412 10.27 -9.78 -2.85
C HIS B 412 10.11 -8.62 -3.78
N THR B 413 9.39 -7.60 -3.34
CA THR B 413 9.26 -6.41 -4.17
C THR B 413 9.54 -5.23 -3.26
N GLY B 414 9.88 -4.08 -3.85
CA GLY B 414 10.26 -2.94 -3.03
C GLY B 414 9.25 -1.89 -2.66
N SER B 415 8.00 -2.08 -3.06
CA SER B 415 6.96 -1.10 -2.79
C SER B 415 6.83 -0.74 -1.31
N GLN B 416 6.58 0.53 -1.01
CA GLN B 416 6.34 0.91 0.38
C GLN B 416 5.07 0.14 0.80
N LEU B 417 4.88 -0.07 2.09
CA LEU B 417 3.73 -0.82 2.53
C LEU B 417 3.16 -0.29 3.83
N ARG B 418 1.98 -0.81 4.17
CA ARG B 418 1.24 -0.39 5.35
C ARG B 418 1.86 -0.64 6.71
N ILE B 419 1.68 0.33 7.59
CA ILE B 419 2.11 0.18 8.95
C ILE B 419 0.94 0.78 9.72
N ALA B 420 0.48 0.04 10.72
CA ALA B 420 -0.66 0.45 11.52
C ALA B 420 -0.36 0.26 12.99
N ALA B 421 -0.89 1.13 13.83
CA ALA B 421 -0.64 1.01 15.24
C ALA B 421 -1.81 1.43 16.09
N TYR B 422 -1.75 1.05 17.36
CA TYR B 422 -2.76 1.39 18.31
C TYR B 422 -2.10 1.61 19.67
N GLY B 423 -2.40 2.73 20.31
CA GLY B 423 -1.85 2.95 21.64
C GLY B 423 -0.96 4.17 21.78
N PRO B 424 -0.34 4.36 22.96
CA PRO B 424 0.54 5.50 23.19
C PRO B 424 1.67 5.57 22.14
N HIS B 425 1.77 6.73 21.49
CA HIS B 425 2.79 7.01 20.46
C HIS B 425 2.50 6.46 19.10
N ALA B 426 1.27 5.96 18.91
CA ALA B 426 0.88 5.37 17.63
C ALA B 426 0.84 6.36 16.50
N ALA B 427 0.78 7.65 16.81
CA ALA B 427 0.78 8.70 15.77
C ALA B 427 2.06 8.76 14.93
N ASN B 428 3.14 8.18 15.45
CA ASN B 428 4.44 8.18 14.78
C ASN B 428 4.53 7.20 13.60
N VAL B 429 3.39 6.56 13.32
CA VAL B 429 3.30 5.59 12.25
C VAL B 429 2.57 6.22 11.06
N VAL B 430 1.92 7.37 11.28
CA VAL B 430 1.16 8.05 10.24
C VAL B 430 1.98 8.86 9.24
N GLY B 431 1.54 8.86 7.98
CA GLY B 431 2.23 9.57 6.92
C GLY B 431 3.31 8.65 6.38
N LEU B 432 4.31 9.21 5.71
CA LEU B 432 5.40 8.40 5.17
C LEU B 432 6.55 8.36 6.19
N THR B 433 7.00 7.17 6.56
CA THR B 433 8.11 7.05 7.49
C THR B 433 9.06 6.04 6.89
N ASP B 434 10.10 5.70 7.64
CA ASP B 434 11.07 4.74 7.16
C ASP B 434 11.07 3.66 8.18
N GLN B 435 11.42 2.46 7.75
CA GLN B 435 11.50 1.32 8.62
C GLN B 435 12.42 1.57 9.86
N THR B 436 13.47 2.41 9.71
CA THR B 436 14.36 2.73 10.82
C THR B 436 13.69 3.65 11.84
N ASP B 437 12.70 4.44 11.42
CA ASP B 437 11.97 5.33 12.35
C ASP B 437 11.24 4.50 13.41
N LEU B 438 10.83 3.29 13.03
CA LEU B 438 10.12 2.41 13.94
C LEU B 438 10.99 2.13 15.14
N PHE B 439 12.28 1.89 14.90
CA PHE B 439 13.20 1.64 15.99
C PHE B 439 13.13 2.82 16.99
N TYR B 440 13.23 4.03 16.47
CA TYR B 440 13.18 5.21 17.34
C TYR B 440 11.83 5.44 18.02
N THR B 441 10.74 5.04 17.36
CA THR B 441 9.40 5.20 17.91
C THR B 441 9.23 4.31 19.12
N MET B 442 9.74 3.08 19.02
CA MET B 442 9.65 2.13 20.12
C MET B 442 10.54 2.52 21.29
N LYS B 443 11.78 2.91 20.97
CA LYS B 443 12.75 3.33 21.98
C LYS B 443 12.17 4.53 22.74
N ALA B 444 11.52 5.43 22.02
CA ALA B 444 10.91 6.60 22.65
C ALA B 444 9.64 6.27 23.44
N ALA B 445 8.77 5.44 22.88
CA ALA B 445 7.52 5.08 23.56
C ALA B 445 7.84 4.49 24.91
N LEU B 446 8.86 3.62 24.93
CA LEU B 446 9.28 2.97 26.16
C LEU B 446 10.20 3.83 27.07
N GLY B 447 10.83 4.85 26.49
CA GLY B 447 11.73 5.70 27.25
C GLY B 447 13.10 5.05 27.44
N LEU B 448 13.56 4.39 26.39
CA LEU B 448 14.83 3.69 26.44
C LEU B 448 16.01 4.64 26.19
N LYS B 449 17.17 4.18 26.70
CA LYS B 449 18.46 4.88 26.66
C LYS B 449 18.58 5.87 27.83
#